data_6S8V
#
_entry.id   6S8V
#
_cell.length_a   202.809
_cell.length_b   46.052
_cell.length_c   137.092
_cell.angle_alpha   90.000
_cell.angle_beta   106.640
_cell.angle_gamma   90.000
#
_symmetry.space_group_name_H-M   'C 1 2 1'
#
loop_
_entity.id
_entity.type
_entity.pdbx_description
1 polymer 'Neutrophil gelatinase-associated lipocalin'
2 polymer '4F2 cell-surface antigen heavy chain'
3 non-polymer 1,2-ETHANEDIOL
4 water water
#
loop_
_entity_poly.entity_id
_entity_poly.type
_entity_poly.pdbx_seq_one_letter_code
_entity_poly.pdbx_strand_id
1 'polypeptide(L)'
;QDSTSDLIPAPPLSKVPLQQNFQDNQFHGKWYVVGRAGNTGLREDKDPGKMFATIYELKEDKSYNVTYVWFGQKKCMYSI
GTFVPGSQPGEFTLGNIKSAPGRTSWLVRVVSTNYNQHAMVFFKSVTQNREGFAITLYGRTKELTSELKENFIRFSKSLG
LPENHIVFPVPIDQCIDGSAHHHHHH
;
A,C
2 'polypeptide(L)'
;ASWSHPQFEKGAELPAQKWWHTGALYRIGDLQAFQGHGAGNLAGLKGRLDYLSSLKVKGLVLGPIHKNQKDDVAQTDLLQ
IDPNFGSKEDFDSLLQSAKKKSIRVILDLTPNYRGENSWFSTQVDTVATKVKDALEFWLQAGVDGFQVRDIENLKDASSF
LAEWQNITKGFSEDRLLIAGTNSSDLQQILSLLESNKDLLLTSSYLSDSGSTGEHTKSLVTQYLNATGNRWCSWSLSQAR
LLTSFLPAQLLRLYQLMLFTLPGTPVFSYGDEIGLDAAALPGQPMEAPVMLWDESSFPDIPGAVSANMTVKGQSEDPGSL
LSLFRRLSDQRSKERSLLHGDFHAFSAGPGLFSYIRHWDQNERFLVVLNFGDVGLSAGLQASDLPASASLPAKADLLLST
QPGREEGSPLELERLKLEPHEGLLLRFPYAA
;
B,D
#
loop_
_chem_comp.id
_chem_comp.type
_chem_comp.name
_chem_comp.formula
EDO non-polymer 1,2-ETHANEDIOL 'C2 H6 O2'
#
# COMPACT_ATOMS: atom_id res chain seq x y z
N LEU A 7 -7.96 -42.08 -21.00
CA LEU A 7 -8.70 -42.49 -19.75
C LEU A 7 -8.59 -43.99 -19.48
N ILE A 8 -8.46 -44.33 -18.20
CA ILE A 8 -8.35 -45.72 -17.70
C ILE A 8 -9.67 -46.08 -16.97
N PRO A 9 -10.45 -47.07 -17.47
CA PRO A 9 -11.71 -47.42 -16.78
C PRO A 9 -11.50 -48.20 -15.45
N ALA A 10 -12.46 -48.04 -14.51
CA ALA A 10 -12.35 -48.67 -13.19
C ALA A 10 -12.40 -50.17 -13.40
N PRO A 11 -11.67 -50.92 -12.56
CA PRO A 11 -11.77 -52.38 -12.71
C PRO A 11 -13.05 -52.96 -12.11
N PRO A 12 -13.51 -54.10 -12.61
CA PRO A 12 -14.66 -54.65 -11.87
C PRO A 12 -14.24 -55.09 -10.49
N LEU A 13 -15.18 -55.01 -9.55
CA LEU A 13 -14.89 -55.37 -8.15
C LEU A 13 -14.47 -56.84 -8.02
N SER A 14 -14.90 -57.66 -8.95
CA SER A 14 -14.47 -59.08 -8.99
C SER A 14 -12.95 -59.30 -9.25
N LYS A 15 -12.22 -58.27 -9.67
CA LYS A 15 -10.75 -58.31 -9.76
C LYS A 15 -10.00 -57.81 -8.55
N VAL A 16 -10.71 -57.38 -7.51
CA VAL A 16 -10.06 -56.74 -6.40
C VAL A 16 -10.12 -57.66 -5.17
N PRO A 17 -8.95 -58.17 -4.70
CA PRO A 17 -9.03 -59.12 -3.55
C PRO A 17 -9.49 -58.43 -2.25
N LEU A 18 -10.09 -59.23 -1.34
CA LEU A 18 -10.45 -58.79 0.04
C LEU A 18 -9.56 -59.55 1.01
N GLN A 19 -8.92 -58.84 1.94
CA GLN A 19 -8.15 -59.50 3.03
C GLN A 19 -9.01 -60.54 3.79
N GLN A 20 -8.56 -61.79 3.84
CA GLN A 20 -9.27 -62.84 4.60
C GLN A 20 -9.27 -62.60 6.11
N ASN A 21 -10.38 -62.91 6.76
CA ASN A 21 -10.43 -62.95 8.24
C ASN A 21 -10.12 -61.58 8.82
N PHE A 22 -10.62 -60.49 8.21
CA PHE A 22 -10.23 -59.10 8.60
C PHE A 22 -10.53 -58.82 10.08
N GLN A 23 -9.56 -58.30 10.80
CA GLN A 23 -9.64 -58.02 12.25
C GLN A 23 -9.65 -56.51 12.49
N ASP A 24 -10.84 -55.96 12.66
CA ASP A 24 -10.99 -54.48 12.77
C ASP A 24 -10.20 -53.85 13.93
N ASN A 25 -10.10 -54.58 15.04
CA ASN A 25 -9.40 -54.10 16.23
C ASN A 25 -7.87 -54.09 16.06
N GLN A 26 -7.33 -54.90 15.12
CA GLN A 26 -5.88 -54.85 14.77
C GLN A 26 -5.50 -53.76 13.74
N PHE A 27 -6.48 -53.35 12.94
CA PHE A 27 -6.29 -52.35 11.86
C PHE A 27 -6.34 -50.93 12.41
N HIS A 28 -6.83 -50.75 13.65
CA HIS A 28 -6.99 -49.40 14.20
C HIS A 28 -5.65 -48.68 14.38
N GLY A 29 -5.75 -47.36 14.55
CA GLY A 29 -4.61 -46.53 14.84
C GLY A 29 -4.07 -45.73 13.66
N LYS A 30 -2.84 -45.25 13.77
CA LYS A 30 -2.25 -44.38 12.72
C LYS A 30 -1.57 -45.16 11.56
N TRP A 31 -1.90 -44.80 10.32
CA TRP A 31 -1.23 -45.27 9.10
C TRP A 31 -0.68 -44.05 8.31
N TYR A 32 0.61 -44.12 7.90
CA TYR A 32 1.23 -43.13 6.98
C TYR A 32 0.89 -43.48 5.54
N VAL A 33 0.58 -42.46 4.71
CA VAL A 33 0.27 -42.66 3.25
C VAL A 33 1.61 -42.66 2.48
N VAL A 34 2.16 -43.87 2.26
CA VAL A 34 3.51 -44.10 1.71
C VAL A 34 3.47 -44.14 0.15
N GLY A 35 2.36 -44.60 -0.40
CA GLY A 35 2.17 -44.61 -1.85
C GLY A 35 0.72 -44.34 -2.26
N ARG A 36 0.57 -43.64 -3.40
CA ARG A 36 -0.73 -43.28 -4.06
C ARG A 36 -0.68 -43.61 -5.58
N ALA A 37 -1.63 -44.48 -6.03
CA ALA A 37 -1.78 -44.92 -7.44
C ALA A 37 -3.21 -44.56 -7.85
N GLY A 38 -3.33 -43.82 -8.91
CA GLY A 38 -4.65 -43.47 -9.52
C GLY A 38 -4.58 -42.53 -10.70
N ASN A 39 -5.74 -42.04 -11.12
CA ASN A 39 -5.88 -41.15 -12.25
C ASN A 39 -6.34 -39.76 -11.78
N THR A 40 -5.51 -39.10 -10.95
CA THR A 40 -5.80 -37.74 -10.42
C THR A 40 -5.05 -36.57 -11.07
N GLY A 41 -3.95 -36.85 -11.76
CA GLY A 41 -3.07 -35.81 -12.32
C GLY A 41 -1.68 -35.87 -11.71
N LEU A 42 -1.54 -36.59 -10.61
CA LEU A 42 -0.21 -36.84 -9.97
C LEU A 42 0.63 -37.79 -10.87
N ARG A 43 1.93 -37.52 -10.99
CA ARG A 43 2.86 -38.31 -11.90
C ARG A 43 4.24 -38.52 -11.22
N GLU A 44 4.88 -39.65 -11.56
CA GLU A 44 6.20 -39.98 -10.96
C GLU A 44 7.31 -38.96 -11.29
N ASP A 45 7.21 -38.26 -12.42
CA ASP A 45 8.25 -37.30 -12.86
C ASP A 45 8.14 -35.85 -12.31
N LYS A 46 7.34 -35.61 -11.29
CA LYS A 46 7.15 -34.25 -10.76
C LYS A 46 6.83 -34.33 -9.28
N ASP A 47 6.81 -33.19 -8.59
CA ASP A 47 6.50 -33.15 -7.16
C ASP A 47 5.33 -34.07 -6.68
N PRO A 48 5.60 -35.09 -5.83
CA PRO A 48 4.56 -36.06 -5.46
C PRO A 48 3.73 -35.59 -4.23
N GLY A 49 4.05 -34.41 -3.72
CA GLY A 49 3.46 -33.86 -2.49
C GLY A 49 4.12 -34.28 -1.19
N LYS A 50 3.82 -33.55 -0.09
CA LYS A 50 4.18 -33.97 1.26
C LYS A 50 3.32 -35.16 1.83
N MET A 51 3.97 -36.02 2.59
CA MET A 51 3.30 -37.12 3.28
C MET A 51 2.28 -36.66 4.33
N PHE A 52 1.14 -37.32 4.39
CA PHE A 52 0.12 -37.15 5.45
C PHE A 52 -0.22 -38.49 6.10
N ALA A 53 -0.94 -38.41 7.24
CA ALA A 53 -1.37 -39.56 8.05
C ALA A 53 -2.88 -39.71 8.08
N THR A 54 -3.35 -40.97 8.19
CA THR A 54 -4.80 -41.32 8.30
C THR A 54 -4.98 -42.17 9.58
N ILE A 55 -5.75 -41.67 10.55
CA ILE A 55 -6.03 -42.31 11.80
C ILE A 55 -7.40 -42.99 11.84
N TYR A 56 -7.39 -44.29 12.08
CA TYR A 56 -8.63 -45.11 12.16
C TYR A 56 -9.02 -45.42 13.61
N GLU A 57 -10.07 -44.81 14.12
CA GLU A 57 -10.52 -45.09 15.48
C GLU A 57 -11.75 -45.98 15.46
N LEU A 58 -11.62 -47.20 15.98
CA LEU A 58 -12.76 -48.13 16.02
C LEU A 58 -13.83 -47.77 17.04
N LYS A 59 -15.09 -47.75 16.62
CA LYS A 59 -16.21 -47.43 17.47
C LYS A 59 -17.04 -48.66 17.87
N GLU A 60 -17.88 -48.46 18.90
CA GLU A 60 -18.69 -49.55 19.50
C GLU A 60 -19.64 -50.23 18.51
N ASP A 61 -20.03 -49.54 17.42
CA ASP A 61 -20.94 -50.12 16.41
C ASP A 61 -20.16 -50.66 15.19
N LYS A 62 -18.85 -50.82 15.33
CA LYS A 62 -17.95 -51.33 14.26
C LYS A 62 -17.66 -50.36 13.08
N SER A 63 -18.18 -49.11 13.18
CA SER A 63 -17.69 -48.04 12.32
C SER A 63 -16.29 -47.59 12.76
N TYR A 64 -15.65 -46.86 11.89
CA TYR A 64 -14.40 -46.11 12.20
C TYR A 64 -14.67 -44.61 12.05
N ASN A 65 -14.18 -43.83 13.02
N ASN A 65 -14.23 -43.80 13.02
CA ASN A 65 -13.95 -42.40 12.85
CA ASN A 65 -14.08 -42.36 12.79
C ASN A 65 -12.60 -42.24 12.19
C ASN A 65 -12.66 -42.18 12.22
N VAL A 66 -12.54 -41.57 11.02
CA VAL A 66 -11.30 -41.50 10.25
C VAL A 66 -10.84 -40.02 10.20
N THR A 67 -9.63 -39.76 10.66
CA THR A 67 -9.09 -38.41 10.66
C THR A 67 -7.86 -38.34 9.75
N TYR A 68 -7.87 -37.38 8.84
CA TYR A 68 -6.71 -36.99 7.99
C TYR A 68 -5.93 -35.87 8.68
N VAL A 69 -4.61 -36.03 8.83
CA VAL A 69 -3.71 -35.04 9.52
C VAL A 69 -2.62 -34.63 8.51
N TRP A 70 -2.43 -33.33 8.26
CA TRP A 70 -1.37 -32.87 7.35
C TRP A 70 -0.82 -31.49 7.74
N PHE A 71 0.32 -31.13 7.14
CA PHE A 71 0.98 -29.80 7.27
C PHE A 71 0.52 -28.90 6.14
N GLY A 72 -0.19 -27.82 6.51
CA GLY A 72 -0.71 -26.83 5.58
C GLY A 72 0.26 -25.65 5.43
N GLN A 73 -0.23 -24.42 5.35
CA GLN A 73 0.69 -23.33 4.95
C GLN A 73 1.71 -23.07 6.05
N LYS A 74 1.29 -22.72 7.27
CA LYS A 74 2.27 -22.67 8.40
C LYS A 74 1.62 -23.20 9.66
N LYS A 75 0.81 -24.25 9.52
CA LYS A 75 0.13 -24.83 10.65
C LYS A 75 -0.42 -26.20 10.29
N CYS A 76 -0.78 -26.94 11.35
CA CYS A 76 -1.35 -28.28 11.22
C CYS A 76 -2.81 -28.18 10.84
N MET A 77 -3.27 -29.17 10.09
CA MET A 77 -4.61 -29.17 9.48
C MET A 77 -5.25 -30.55 9.70
N TYR A 78 -6.58 -30.58 9.83
CA TYR A 78 -7.37 -31.84 10.18
C TYR A 78 -8.70 -31.90 9.39
N SER A 79 -9.18 -33.11 9.04
CA SER A 79 -10.50 -33.31 8.43
C SER A 79 -11.03 -34.69 8.92
N ILE A 80 -12.33 -34.82 9.21
CA ILE A 80 -12.85 -36.07 9.89
C ILE A 80 -14.07 -36.58 9.18
N GLY A 81 -14.18 -37.90 9.05
CA GLY A 81 -15.33 -38.55 8.38
C GLY A 81 -15.60 -39.92 9.06
N THR A 82 -16.72 -40.55 8.71
CA THR A 82 -17.13 -41.86 9.30
C THR A 82 -17.20 -42.93 8.18
N PHE A 83 -16.48 -44.01 8.40
CA PHE A 83 -16.55 -45.21 7.52
C PHE A 83 -17.52 -46.21 8.20
N VAL A 84 -18.63 -46.49 7.53
CA VAL A 84 -19.69 -47.38 7.99
C VAL A 84 -19.45 -48.79 7.41
N PRO A 85 -19.57 -49.86 8.24
CA PRO A 85 -19.31 -51.22 7.72
C PRO A 85 -20.20 -51.59 6.55
N GLY A 86 -19.59 -52.26 5.59
CA GLY A 86 -20.31 -52.80 4.46
C GLY A 86 -20.76 -54.25 4.63
N SER A 87 -21.00 -54.93 3.52
CA SER A 87 -21.53 -56.32 3.52
C SER A 87 -20.63 -57.42 4.08
N GLN A 88 -19.34 -57.24 3.91
CA GLN A 88 -18.34 -58.22 4.30
C GLN A 88 -17.31 -57.54 5.25
N PRO A 89 -16.70 -58.31 6.18
CA PRO A 89 -15.58 -57.74 7.00
C PRO A 89 -14.40 -57.20 6.14
N GLY A 90 -13.99 -55.98 6.40
CA GLY A 90 -12.97 -55.31 5.57
C GLY A 90 -13.47 -54.37 4.45
N GLU A 91 -14.77 -54.23 4.28
CA GLU A 91 -15.39 -53.27 3.33
C GLU A 91 -16.14 -52.23 4.09
N PHE A 92 -16.11 -50.98 3.61
CA PHE A 92 -16.81 -49.86 4.18
C PHE A 92 -17.45 -48.94 3.11
N THR A 93 -18.40 -48.06 3.56
CA THR A 93 -18.94 -46.97 2.73
C THR A 93 -18.75 -45.67 3.52
N LEU A 94 -18.97 -44.53 2.84
CA LEU A 94 -18.88 -43.21 3.54
C LEU A 94 -20.22 -42.82 4.13
N GLY A 95 -20.22 -42.51 5.44
CA GLY A 95 -21.43 -42.02 6.12
C GLY A 95 -21.71 -40.53 6.00
N ASN A 96 -22.95 -40.14 6.38
CA ASN A 96 -23.40 -38.71 6.42
C ASN A 96 -23.44 -38.04 5.05
N ILE A 97 -23.82 -38.83 4.06
CA ILE A 97 -23.89 -38.42 2.66
C ILE A 97 -25.32 -37.86 2.35
N LYS A 98 -25.41 -36.89 1.43
CA LYS A 98 -26.70 -36.28 1.02
C LYS A 98 -27.55 -37.30 0.26
N SER A 99 -28.86 -37.09 0.14
CA SER A 99 -29.67 -38.00 -0.70
C SER A 99 -30.21 -37.36 -2.00
N ALA A 100 -29.68 -36.21 -2.40
CA ALA A 100 -29.91 -35.65 -3.76
C ALA A 100 -29.43 -36.68 -4.84
N PRO A 101 -30.19 -36.85 -5.94
CA PRO A 101 -29.84 -37.92 -6.89
C PRO A 101 -28.43 -37.82 -7.59
N GLY A 102 -27.82 -36.64 -7.73
CA GLY A 102 -26.44 -36.52 -8.31
C GLY A 102 -25.21 -36.76 -7.37
N ARG A 103 -25.44 -37.11 -6.11
CA ARG A 103 -24.38 -37.17 -5.09
C ARG A 103 -23.35 -38.27 -5.31
N THR A 104 -22.14 -38.02 -4.85
CA THR A 104 -21.07 -39.01 -4.97
C THR A 104 -21.18 -40.09 -3.86
N SER A 105 -21.04 -41.39 -4.19
CA SER A 105 -20.91 -42.48 -3.18
C SER A 105 -19.54 -43.22 -3.26
N TRP A 106 -19.15 -43.86 -2.16
CA TRP A 106 -17.86 -44.51 -2.01
C TRP A 106 -17.94 -45.97 -1.59
N LEU A 107 -16.94 -46.75 -2.06
CA LEU A 107 -16.64 -48.07 -1.51
C LEU A 107 -15.15 -48.13 -1.19
N VAL A 108 -14.85 -48.64 0.01
CA VAL A 108 -13.48 -48.90 0.52
C VAL A 108 -13.34 -50.43 0.76
N ARG A 109 -12.28 -51.06 0.23
CA ARG A 109 -12.00 -52.48 0.42
C ARG A 109 -10.47 -52.68 0.82
N VAL A 110 -10.26 -53.22 2.03
CA VAL A 110 -8.88 -53.58 2.46
C VAL A 110 -8.46 -54.83 1.65
N VAL A 111 -7.41 -54.69 0.84
CA VAL A 111 -6.94 -55.80 -0.03
C VAL A 111 -5.98 -56.79 0.66
N SER A 112 -5.02 -56.26 1.42
N SER A 112 -5.01 -56.24 1.39
CA SER A 112 -3.91 -57.04 2.04
CA SER A 112 -3.99 -57.01 2.10
C SER A 112 -3.29 -56.24 3.21
C SER A 112 -3.50 -56.18 3.29
N THR A 113 -3.18 -56.85 4.39
CA THR A 113 -2.46 -56.23 5.54
C THR A 113 -1.86 -57.28 6.49
N ASN A 114 -0.70 -56.96 7.13
CA ASN A 114 -0.23 -57.72 8.32
C ASN A 114 -0.43 -56.96 9.65
N TYR A 115 -1.18 -55.85 9.60
CA TYR A 115 -1.59 -55.10 10.82
C TYR A 115 -0.51 -54.27 11.56
N ASN A 116 0.70 -54.82 11.73
CA ASN A 116 1.74 -54.10 12.47
C ASN A 116 2.83 -53.45 11.60
N GLN A 117 2.79 -53.66 10.27
CA GLN A 117 3.76 -53.01 9.35
C GLN A 117 3.16 -52.27 8.10
N HIS A 118 2.36 -52.97 7.29
CA HIS A 118 1.86 -52.49 5.98
C HIS A 118 0.37 -52.86 5.69
N ALA A 119 -0.25 -52.11 4.79
CA ALA A 119 -1.58 -52.39 4.28
C ALA A 119 -1.73 -51.85 2.81
N MET A 120 -2.58 -52.53 1.97
CA MET A 120 -2.97 -51.96 0.67
C MET A 120 -4.47 -51.86 0.70
N VAL A 121 -5.00 -50.68 0.33
CA VAL A 121 -6.46 -50.44 0.33
C VAL A 121 -6.92 -49.85 -1.07
N PHE A 122 -8.06 -50.36 -1.55
CA PHE A 122 -8.73 -49.97 -2.80
C PHE A 122 -9.95 -49.09 -2.47
N PHE A 123 -10.09 -48.03 -3.28
CA PHE A 123 -11.16 -47.00 -3.21
C PHE A 123 -11.84 -46.83 -4.58
N LYS A 124 -13.18 -46.78 -4.55
CA LYS A 124 -13.97 -46.52 -5.76
C LYS A 124 -15.05 -45.45 -5.44
N SER A 125 -15.14 -44.43 -6.29
CA SER A 125 -16.21 -43.44 -6.25
C SER A 125 -17.24 -43.61 -7.42
N VAL A 126 -18.49 -43.22 -7.18
CA VAL A 126 -19.52 -43.26 -8.21
C VAL A 126 -20.27 -41.93 -8.15
N THR A 127 -20.33 -41.25 -9.28
CA THR A 127 -21.02 -39.94 -9.46
C THR A 127 -21.83 -40.00 -10.75
N GLN A 128 -23.17 -39.97 -10.62
CA GLN A 128 -24.10 -40.27 -11.72
C GLN A 128 -23.64 -41.60 -12.37
N ASN A 129 -23.34 -41.62 -13.66
CA ASN A 129 -22.85 -42.86 -14.30
C ASN A 129 -21.29 -43.01 -14.35
N ARG A 130 -20.55 -42.06 -13.77
CA ARG A 130 -19.09 -42.00 -13.90
C ARG A 130 -18.38 -42.58 -12.66
N GLU A 131 -17.40 -43.45 -12.91
CA GLU A 131 -16.64 -44.15 -11.84
C GLU A 131 -15.21 -43.61 -11.79
N GLY A 132 -14.64 -43.45 -10.57
CA GLY A 132 -13.21 -43.15 -10.28
C GLY A 132 -12.62 -44.19 -9.31
N PHE A 133 -11.30 -44.45 -9.36
CA PHE A 133 -10.61 -45.42 -8.45
C PHE A 133 -9.18 -45.07 -8.05
N ALA A 134 -8.71 -45.65 -6.90
CA ALA A 134 -7.35 -45.50 -6.44
C ALA A 134 -6.91 -46.68 -5.58
N ILE A 135 -5.61 -46.82 -5.43
CA ILE A 135 -5.00 -47.75 -4.47
C ILE A 135 -4.00 -47.01 -3.61
N THR A 136 -4.04 -47.22 -2.29
CA THR A 136 -3.10 -46.63 -1.34
C THR A 136 -2.20 -47.71 -0.69
N LEU A 137 -0.92 -47.40 -0.53
CA LEU A 137 0.02 -48.19 0.27
C LEU A 137 0.21 -47.50 1.62
N TYR A 138 -0.23 -48.15 2.69
CA TYR A 138 -0.09 -47.64 4.07
C TYR A 138 1.12 -48.27 4.80
N GLY A 139 1.81 -47.50 5.66
CA GLY A 139 2.85 -48.00 6.56
C GLY A 139 2.65 -47.57 8.02
N ARG A 140 2.98 -48.45 8.97
CA ARG A 140 3.06 -48.05 10.42
C ARG A 140 4.26 -47.06 10.66
N THR A 141 5.26 -47.13 9.76
CA THR A 141 6.38 -46.22 9.66
C THR A 141 6.33 -45.45 8.32
N LYS A 142 7.05 -44.31 8.28
CA LYS A 142 7.08 -43.44 7.11
C LYS A 142 7.83 -44.04 5.89
N GLU A 143 8.75 -44.97 6.15
CA GLU A 143 9.50 -45.69 5.07
C GLU A 143 9.11 -47.19 5.11
N LEU A 144 9.07 -47.83 3.93
CA LEU A 144 8.83 -49.28 3.81
C LEU A 144 9.90 -49.84 2.83
N THR A 145 10.00 -51.12 2.70
CA THR A 145 11.12 -51.70 1.97
C THR A 145 10.84 -51.62 0.44
N SER A 146 11.91 -51.73 -0.35
CA SER A 146 11.79 -51.90 -1.83
C SER A 146 10.80 -52.99 -2.24
N GLU A 147 10.93 -54.17 -1.64
CA GLU A 147 10.01 -55.33 -1.90
C GLU A 147 8.52 -54.99 -1.66
N LEU A 148 8.19 -54.30 -0.56
CA LEU A 148 6.79 -53.96 -0.35
C LEU A 148 6.25 -52.94 -1.34
N LYS A 149 7.09 -51.96 -1.71
CA LYS A 149 6.72 -50.99 -2.73
C LYS A 149 6.55 -51.66 -4.12
N GLU A 150 7.36 -52.62 -4.39
CA GLU A 150 7.24 -53.36 -5.68
C GLU A 150 5.92 -54.20 -5.73
N ASN A 151 5.54 -54.81 -4.59
CA ASN A 151 4.28 -55.57 -4.49
C ASN A 151 3.10 -54.64 -4.85
N PHE A 152 3.09 -53.42 -4.29
CA PHE A 152 2.09 -52.37 -4.62
C PHE A 152 2.10 -51.88 -6.05
N ILE A 153 3.29 -51.70 -6.63
CA ILE A 153 3.45 -51.34 -8.08
C ILE A 153 2.86 -52.48 -8.95
N ARG A 154 3.16 -53.70 -8.58
CA ARG A 154 2.72 -54.87 -9.40
C ARG A 154 1.16 -54.95 -9.39
N PHE A 155 0.57 -54.81 -8.20
CA PHE A 155 -0.93 -54.85 -8.08
C PHE A 155 -1.59 -53.70 -8.84
N SER A 156 -1.08 -52.46 -8.64
CA SER A 156 -1.66 -51.29 -9.32
C SER A 156 -1.64 -51.43 -10.87
N LYS A 157 -0.50 -51.88 -11.40
CA LYS A 157 -0.37 -52.17 -12.84
C LYS A 157 -1.35 -53.28 -13.33
N SER A 158 -1.61 -54.29 -12.48
CA SER A 158 -2.54 -55.35 -12.85
C SER A 158 -4.00 -54.83 -13.02
N LEU A 159 -4.32 -53.72 -12.37
CA LEU A 159 -5.64 -52.98 -12.56
C LEU A 159 -5.69 -51.94 -13.70
N GLY A 160 -4.61 -51.87 -14.47
CA GLY A 160 -4.55 -51.07 -15.67
C GLY A 160 -3.86 -49.74 -15.56
N LEU A 161 -3.29 -49.42 -14.38
CA LEU A 161 -2.56 -48.14 -14.25
C LEU A 161 -1.13 -48.21 -14.84
N PRO A 162 -0.71 -47.17 -15.58
CA PRO A 162 0.72 -47.12 -15.95
C PRO A 162 1.56 -46.86 -14.73
N GLU A 163 2.83 -47.23 -14.78
CA GLU A 163 3.73 -47.02 -13.64
C GLU A 163 3.94 -45.50 -13.32
N ASN A 164 3.96 -44.66 -14.35
CA ASN A 164 4.09 -43.21 -14.15
C ASN A 164 2.86 -42.53 -13.46
N HIS A 165 1.74 -43.25 -13.28
CA HIS A 165 0.58 -42.83 -12.41
C HIS A 165 0.71 -43.17 -10.89
N ILE A 166 1.89 -43.70 -10.49
CA ILE A 166 2.15 -44.19 -9.15
C ILE A 166 3.19 -43.28 -8.50
N VAL A 167 2.87 -42.67 -7.34
CA VAL A 167 3.76 -41.72 -6.66
C VAL A 167 4.00 -42.08 -5.17
N PHE A 168 5.11 -41.58 -4.63
CA PHE A 168 5.60 -41.87 -3.28
C PHE A 168 5.84 -40.54 -2.53
N PRO A 169 4.81 -40.06 -1.75
CA PRO A 169 4.97 -38.73 -1.09
C PRO A 169 6.18 -38.61 -0.19
N VAL A 170 6.70 -37.38 -0.06
CA VAL A 170 7.91 -37.10 0.68
C VAL A 170 7.69 -37.09 2.23
N PRO A 171 8.40 -37.95 2.98
CA PRO A 171 8.27 -37.87 4.50
C PRO A 171 8.62 -36.50 5.09
N ILE A 172 7.87 -36.10 6.13
CA ILE A 172 8.11 -34.92 6.89
C ILE A 172 7.90 -35.23 8.38
N ASP A 173 8.34 -34.33 9.24
CA ASP A 173 8.16 -34.43 10.69
C ASP A 173 7.06 -33.50 11.29
N GLN A 174 6.66 -32.45 10.59
CA GLN A 174 5.61 -31.54 11.09
C GLN A 174 4.26 -32.25 11.12
N CYS A 175 3.55 -32.10 12.25
CA CYS A 175 2.13 -32.49 12.38
C CYS A 175 1.78 -33.97 12.43
N ILE A 176 2.35 -34.79 11.53
CA ILE A 176 1.98 -36.21 11.38
C ILE A 176 2.54 -37.14 12.44
N ASP A 177 3.44 -36.69 13.29
CA ASP A 177 3.89 -37.50 14.48
C ASP A 177 3.31 -37.12 15.88
N GLY A 178 2.07 -36.62 15.94
CA GLY A 178 1.38 -36.31 17.22
C GLY A 178 2.23 -35.71 18.33
N ALA B 16 -10.77 -1.94 -33.75
CA ALA B 16 -9.36 -1.46 -33.62
C ALA B 16 -8.71 -1.98 -32.32
N GLN B 17 -9.45 -1.89 -31.20
CA GLN B 17 -8.99 -2.34 -29.86
C GLN B 17 -8.39 -3.78 -29.89
N LYS B 18 -7.15 -3.94 -29.43
CA LYS B 18 -6.44 -5.23 -29.44
C LYS B 18 -7.15 -6.28 -28.57
N TRP B 19 -7.13 -7.55 -29.02
CA TRP B 19 -7.95 -8.61 -28.36
C TRP B 19 -7.66 -8.79 -26.85
N TRP B 20 -6.38 -8.68 -26.46
CA TRP B 20 -6.00 -8.87 -25.04
C TRP B 20 -6.43 -7.74 -24.12
N HIS B 21 -6.94 -6.63 -24.68
CA HIS B 21 -7.54 -5.54 -23.91
C HIS B 21 -9.01 -5.85 -23.52
N THR B 22 -9.62 -6.85 -24.17
CA THR B 22 -11.07 -7.09 -24.06
C THR B 22 -11.55 -7.97 -22.87
N GLY B 23 -10.64 -8.57 -22.10
CA GLY B 23 -11.02 -9.24 -20.86
C GLY B 23 -9.84 -9.95 -20.20
N ALA B 24 -10.13 -10.97 -19.39
CA ALA B 24 -9.09 -11.71 -18.64
C ALA B 24 -8.31 -12.76 -19.42
N LEU B 25 -7.06 -12.98 -18.98
CA LEU B 25 -6.22 -14.09 -19.37
C LEU B 25 -6.16 -15.18 -18.26
N TYR B 26 -6.13 -16.46 -18.69
CA TYR B 26 -6.23 -17.63 -17.79
C TYR B 26 -5.09 -18.65 -18.00
N ARG B 27 -4.17 -18.74 -17.03
CA ARG B 27 -2.99 -19.55 -17.15
C ARG B 27 -3.20 -21.04 -16.76
N ILE B 28 -2.79 -21.92 -17.65
CA ILE B 28 -2.77 -23.37 -17.39
C ILE B 28 -1.37 -23.96 -17.60
N GLY B 29 -0.62 -24.06 -16.52
CA GLY B 29 0.80 -24.51 -16.55
C GLY B 29 0.95 -26.02 -16.51
N ASP B 30 0.22 -26.68 -15.65
CA ASP B 30 0.27 -28.14 -15.53
C ASP B 30 -1.03 -28.68 -16.15
N LEU B 31 -0.93 -29.23 -17.39
CA LEU B 31 -2.13 -29.76 -18.10
C LEU B 31 -2.73 -31.01 -17.41
N GLN B 32 -1.87 -31.81 -16.78
CA GLN B 32 -2.30 -33.02 -16.13
C GLN B 32 -3.12 -32.71 -14.86
N ALA B 33 -2.61 -31.77 -14.07
CA ALA B 33 -3.28 -31.38 -12.82
C ALA B 33 -4.60 -30.61 -13.10
N PHE B 34 -4.62 -29.75 -14.11
CA PHE B 34 -5.87 -29.09 -14.59
C PHE B 34 -6.97 -30.07 -14.97
N GLN B 35 -6.62 -31.06 -15.81
N GLN B 35 -6.60 -31.07 -15.76
CA GLN B 35 -7.59 -32.07 -16.26
CA GLN B 35 -7.57 -32.07 -16.19
C GLN B 35 -8.04 -32.99 -15.12
C GLN B 35 -8.06 -32.96 -15.07
N GLY B 36 -7.12 -33.33 -14.18
CA GLY B 36 -7.39 -34.22 -13.09
C GLY B 36 -7.52 -35.66 -13.60
N HIS B 37 -8.72 -36.02 -13.96
CA HIS B 37 -9.03 -37.33 -14.53
C HIS B 37 -8.28 -37.67 -15.85
N GLY B 38 -8.25 -38.97 -16.15
CA GLY B 38 -7.66 -39.48 -17.39
C GLY B 38 -6.20 -39.21 -17.67
N ALA B 39 -5.90 -38.81 -18.92
CA ALA B 39 -4.55 -38.85 -19.47
C ALA B 39 -3.80 -37.50 -19.36
N GLY B 40 -4.49 -36.36 -19.37
CA GLY B 40 -3.79 -35.11 -19.09
C GLY B 40 -3.09 -34.59 -20.32
N ASN B 41 -3.89 -34.42 -21.37
CA ASN B 41 -3.35 -34.12 -22.72
C ASN B 41 -4.14 -33.00 -23.42
N LEU B 42 -3.69 -32.66 -24.64
CA LEU B 42 -4.29 -31.57 -25.45
C LEU B 42 -5.74 -31.89 -25.85
N ALA B 43 -6.03 -33.16 -26.09
CA ALA B 43 -7.42 -33.62 -26.29
C ALA B 43 -8.34 -33.35 -25.11
N GLY B 44 -7.88 -33.62 -23.89
CA GLY B 44 -8.63 -33.34 -22.66
C GLY B 44 -8.95 -31.85 -22.42
N LEU B 45 -7.98 -31.00 -22.75
CA LEU B 45 -8.15 -29.57 -22.70
C LEU B 45 -9.24 -29.08 -23.64
N LYS B 46 -9.25 -29.60 -24.86
CA LYS B 46 -10.31 -29.26 -25.81
C LYS B 46 -11.73 -29.52 -25.25
N GLY B 47 -11.92 -30.63 -24.51
CA GLY B 47 -13.20 -30.94 -23.90
C GLY B 47 -13.57 -30.06 -22.67
N ARG B 48 -12.65 -29.21 -22.22
CA ARG B 48 -12.95 -28.15 -21.22
C ARG B 48 -13.27 -26.72 -21.78
N LEU B 49 -13.30 -26.57 -23.11
CA LEU B 49 -13.55 -25.25 -23.71
C LEU B 49 -14.94 -24.62 -23.44
N ASP B 50 -15.99 -25.43 -23.30
CA ASP B 50 -17.33 -24.94 -22.93
C ASP B 50 -17.29 -24.32 -21.51
N TYR B 51 -16.57 -24.97 -20.58
CA TYR B 51 -16.35 -24.43 -19.22
C TYR B 51 -15.58 -23.08 -19.29
N LEU B 52 -14.48 -23.07 -20.04
CA LEU B 52 -13.70 -21.82 -20.21
C LEU B 52 -14.52 -20.66 -20.83
N SER B 53 -15.39 -20.98 -21.77
CA SER B 53 -16.31 -19.99 -22.35
C SER B 53 -17.30 -19.42 -21.28
N SER B 54 -17.76 -20.29 -20.36
CA SER B 54 -18.62 -19.89 -19.22
C SER B 54 -17.92 -18.82 -18.35
N LEU B 55 -16.58 -18.86 -18.26
CA LEU B 55 -15.85 -17.83 -17.49
C LEU B 55 -15.63 -16.51 -18.23
N LYS B 56 -15.98 -16.45 -19.52
CA LYS B 56 -15.74 -15.26 -20.40
C LYS B 56 -14.31 -14.78 -20.50
N VAL B 57 -13.36 -15.66 -20.23
CA VAL B 57 -11.95 -15.38 -20.44
C VAL B 57 -11.64 -15.25 -21.95
N LYS B 58 -10.74 -14.31 -22.27
CA LYS B 58 -10.44 -13.97 -23.65
C LYS B 58 -9.24 -14.69 -24.27
N GLY B 59 -8.33 -15.16 -23.42
CA GLY B 59 -7.16 -15.96 -23.82
C GLY B 59 -6.70 -16.98 -22.76
N LEU B 60 -6.22 -18.14 -23.25
CA LEU B 60 -5.60 -19.17 -22.43
C LEU B 60 -4.08 -19.05 -22.63
N VAL B 61 -3.32 -19.13 -21.55
CA VAL B 61 -1.81 -19.25 -21.57
C VAL B 61 -1.40 -20.65 -21.20
N LEU B 62 -0.95 -21.42 -22.20
CA LEU B 62 -0.71 -22.81 -22.07
C LEU B 62 0.75 -23.24 -21.96
N GLY B 63 0.98 -24.16 -21.06
CA GLY B 63 2.23 -24.92 -21.09
C GLY B 63 3.33 -24.39 -20.18
N PRO B 64 4.62 -24.63 -20.50
CA PRO B 64 5.11 -25.21 -21.79
C PRO B 64 4.70 -26.67 -22.07
N ILE B 65 4.75 -27.02 -23.34
CA ILE B 65 4.44 -28.43 -23.82
C ILE B 65 5.54 -29.06 -24.67
N HIS B 66 6.70 -28.39 -24.84
CA HIS B 66 7.76 -28.89 -25.76
C HIS B 66 8.72 -29.96 -25.16
N LYS B 67 9.51 -30.62 -26.02
CA LYS B 67 10.51 -31.61 -25.55
C LYS B 67 11.60 -30.92 -24.75
N ASN B 68 11.73 -31.29 -23.45
CA ASN B 68 12.78 -30.75 -22.55
C ASN B 68 13.34 -31.87 -21.60
N GLN B 69 14.44 -32.49 -22.01
CA GLN B 69 15.24 -33.36 -21.14
C GLN B 69 15.91 -32.42 -20.11
N LYS B 70 15.48 -32.58 -18.86
CA LYS B 70 15.82 -31.68 -17.76
C LYS B 70 17.33 -31.39 -17.72
N ASP B 71 17.67 -30.11 -17.80
CA ASP B 71 19.04 -29.59 -17.73
C ASP B 71 19.93 -29.90 -18.91
N ASP B 72 19.37 -30.49 -19.99
CA ASP B 72 20.13 -30.91 -21.18
C ASP B 72 19.79 -30.03 -22.39
N VAL B 73 20.70 -29.10 -22.71
CA VAL B 73 20.47 -28.07 -23.74
C VAL B 73 20.29 -28.78 -25.12
N ALA B 74 21.14 -29.74 -25.42
CA ALA B 74 21.07 -30.42 -26.75
C ALA B 74 19.79 -31.25 -26.98
N GLN B 75 19.23 -31.81 -25.91
CA GLN B 75 17.99 -32.60 -25.99
C GLN B 75 16.77 -31.77 -25.50
N THR B 76 16.80 -30.47 -25.79
CA THR B 76 15.64 -29.59 -25.67
C THR B 76 15.31 -29.01 -27.05
N ASP B 77 14.05 -29.18 -27.48
CA ASP B 77 13.62 -28.75 -28.83
C ASP B 77 12.24 -28.08 -28.81
N LEU B 78 12.24 -26.74 -28.89
CA LEU B 78 11.02 -25.91 -28.80
C LEU B 78 10.08 -26.08 -30.02
N LEU B 79 10.51 -26.79 -31.06
CA LEU B 79 9.66 -27.07 -32.23
C LEU B 79 8.87 -28.40 -32.16
N GLN B 80 9.14 -29.24 -31.16
CA GLN B 80 8.51 -30.59 -31.03
C GLN B 80 7.68 -30.67 -29.73
N ILE B 81 6.45 -31.17 -29.82
CA ILE B 81 5.62 -31.36 -28.65
C ILE B 81 6.00 -32.68 -27.97
N ASP B 82 6.15 -32.63 -26.65
CA ASP B 82 6.43 -33.88 -25.83
C ASP B 82 5.26 -34.81 -26.02
N PRO B 83 5.49 -36.03 -26.54
CA PRO B 83 4.38 -36.96 -26.84
C PRO B 83 3.46 -37.36 -25.69
N ASN B 84 3.86 -37.12 -24.42
CA ASN B 84 2.94 -37.35 -23.32
C ASN B 84 1.80 -36.36 -23.29
N PHE B 85 1.96 -35.20 -23.92
CA PHE B 85 0.87 -34.20 -24.03
C PHE B 85 -0.03 -34.35 -25.26
N GLY B 86 0.35 -35.17 -26.21
CA GLY B 86 -0.40 -35.37 -27.48
C GLY B 86 0.44 -35.00 -28.69
N SER B 87 -0.24 -34.80 -29.82
CA SER B 87 0.39 -34.59 -31.13
C SER B 87 0.20 -33.18 -31.71
N LYS B 88 0.97 -32.91 -32.74
CA LYS B 88 0.81 -31.66 -33.48
C LYS B 88 -0.60 -31.54 -34.13
N GLU B 89 -1.21 -32.66 -34.49
CA GLU B 89 -2.60 -32.67 -34.98
C GLU B 89 -3.62 -32.32 -33.85
N ASP B 90 -3.40 -32.85 -32.64
CA ASP B 90 -4.21 -32.45 -31.46
C ASP B 90 -4.10 -30.93 -31.15
N PHE B 91 -2.88 -30.38 -31.28
CA PHE B 91 -2.68 -28.94 -31.07
C PHE B 91 -3.47 -28.10 -32.11
N ASP B 92 -3.35 -28.42 -33.38
N ASP B 92 -3.35 -28.44 -33.39
CA ASP B 92 -4.08 -27.67 -34.42
CA ASP B 92 -4.13 -27.74 -34.45
C ASP B 92 -5.62 -27.79 -34.28
C ASP B 92 -5.62 -27.76 -34.17
N SER B 93 -6.12 -28.95 -33.82
CA SER B 93 -7.54 -29.13 -33.50
C SER B 93 -7.99 -28.28 -32.30
N LEU B 94 -7.16 -28.21 -31.25
CA LEU B 94 -7.42 -27.36 -30.08
C LEU B 94 -7.50 -25.88 -30.52
N LEU B 95 -6.59 -25.44 -31.38
CA LEU B 95 -6.59 -24.02 -31.82
C LEU B 95 -7.85 -23.66 -32.62
N GLN B 96 -8.26 -24.52 -33.53
CA GLN B 96 -9.47 -24.28 -34.35
C GLN B 96 -10.79 -24.28 -33.52
N SER B 97 -10.88 -25.14 -32.51
N SER B 97 -10.86 -25.16 -32.52
CA SER B 97 -12.05 -25.15 -31.62
CA SER B 97 -12.00 -25.20 -31.60
C SER B 97 -12.08 -23.93 -30.67
C SER B 97 -12.06 -23.94 -30.70
N ALA B 98 -10.92 -23.53 -30.15
CA ALA B 98 -10.83 -22.26 -29.38
C ALA B 98 -11.24 -21.05 -30.24
N LYS B 99 -10.77 -21.01 -31.49
CA LYS B 99 -11.12 -19.92 -32.42
C LYS B 99 -12.62 -19.80 -32.64
N LYS B 100 -13.31 -20.93 -32.83
CA LYS B 100 -14.74 -20.93 -33.02
C LYS B 100 -15.54 -20.41 -31.84
N LYS B 101 -14.97 -20.56 -30.62
CA LYS B 101 -15.51 -19.99 -29.36
C LYS B 101 -15.00 -18.58 -28.96
N SER B 102 -14.27 -17.95 -29.87
CA SER B 102 -13.65 -16.65 -29.64
C SER B 102 -12.74 -16.65 -28.44
N ILE B 103 -12.01 -17.75 -28.24
CA ILE B 103 -10.94 -17.78 -27.24
C ILE B 103 -9.55 -17.81 -27.89
N ARG B 104 -8.66 -16.89 -27.49
CA ARG B 104 -7.31 -16.84 -28.04
C ARG B 104 -6.36 -17.80 -27.28
N VAL B 105 -5.24 -18.17 -27.94
CA VAL B 105 -4.26 -19.08 -27.35
C VAL B 105 -2.81 -18.54 -27.37
N ILE B 106 -2.20 -18.49 -26.19
CA ILE B 106 -0.82 -17.99 -25.97
C ILE B 106 0.02 -19.22 -25.58
N LEU B 107 1.17 -19.43 -26.22
CA LEU B 107 2.07 -20.57 -25.90
C LEU B 107 3.27 -20.15 -25.02
N ASP B 108 3.41 -20.77 -23.85
CA ASP B 108 4.57 -20.57 -22.98
C ASP B 108 5.78 -21.32 -23.54
N LEU B 109 6.86 -20.57 -23.85
CA LEU B 109 8.14 -21.15 -24.40
C LEU B 109 9.32 -21.18 -23.45
N THR B 110 9.08 -20.94 -22.15
CA THR B 110 10.16 -20.96 -21.15
C THR B 110 10.98 -22.29 -21.33
N PRO B 111 12.31 -22.21 -21.63
CA PRO B 111 12.88 -23.43 -22.27
C PRO B 111 13.21 -24.66 -21.36
N ASN B 112 13.81 -24.44 -20.18
CA ASN B 112 14.17 -25.55 -19.27
C ASN B 112 13.13 -25.65 -18.12
N TYR B 113 11.84 -25.73 -18.51
CA TYR B 113 10.72 -25.79 -17.60
C TYR B 113 10.70 -27.00 -16.61
N ARG B 114 11.36 -28.10 -16.98
CA ARG B 114 11.53 -29.30 -16.13
C ARG B 114 12.74 -29.29 -15.17
N GLY B 115 13.61 -28.28 -15.32
CA GLY B 115 14.81 -28.12 -14.49
C GLY B 115 14.64 -27.02 -13.44
N GLU B 116 15.66 -26.86 -12.58
CA GLU B 116 15.64 -25.87 -11.50
C GLU B 116 15.79 -24.44 -12.05
N ASN B 117 16.70 -24.25 -13.03
CA ASN B 117 16.91 -22.90 -13.69
C ASN B 117 16.25 -22.92 -15.08
N SER B 118 15.22 -22.11 -15.23
CA SER B 118 14.41 -22.03 -16.46
C SER B 118 15.14 -21.69 -17.76
N TRP B 119 16.26 -21.00 -17.64
CA TRP B 119 17.05 -20.54 -18.78
C TRP B 119 18.33 -21.36 -18.99
N PHE B 120 18.48 -22.49 -18.27
CA PHE B 120 19.79 -23.19 -18.14
C PHE B 120 20.89 -22.32 -17.49
N SER B 121 22.00 -22.96 -17.12
CA SER B 121 23.16 -22.34 -16.46
C SER B 121 24.33 -21.98 -17.38
N THR B 122 24.25 -22.39 -18.65
CA THR B 122 25.30 -22.16 -19.65
C THR B 122 24.68 -21.94 -21.03
N GLN B 123 25.55 -21.57 -21.97
CA GLN B 123 25.21 -21.45 -23.42
C GLN B 123 24.03 -20.51 -23.71
N VAL B 124 24.04 -19.33 -23.10
CA VAL B 124 22.90 -18.38 -23.21
C VAL B 124 22.57 -17.99 -24.67
N ASP B 125 23.59 -17.79 -25.52
CA ASP B 125 23.33 -17.47 -26.95
C ASP B 125 22.62 -18.64 -27.70
N THR B 126 23.02 -19.88 -27.40
CA THR B 126 22.33 -21.03 -27.99
C THR B 126 20.87 -21.14 -27.51
N VAL B 127 20.64 -20.88 -26.22
CA VAL B 127 19.30 -21.01 -25.64
C VAL B 127 18.35 -19.94 -26.22
N ALA B 128 18.84 -18.72 -26.29
CA ALA B 128 18.04 -17.59 -26.82
C ALA B 128 17.63 -17.80 -28.28
N THR B 129 18.55 -18.38 -29.07
CA THR B 129 18.32 -18.70 -30.49
C THR B 129 17.21 -19.75 -30.63
N LYS B 130 17.07 -20.67 -29.67
CA LYS B 130 15.95 -21.65 -29.72
C LYS B 130 14.61 -20.95 -29.65
N VAL B 131 14.47 -19.97 -28.74
CA VAL B 131 13.25 -19.17 -28.64
C VAL B 131 13.02 -18.33 -29.95
N LYS B 132 14.07 -17.63 -30.41
CA LYS B 132 14.00 -16.80 -31.63
C LYS B 132 13.48 -17.63 -32.84
N ASP B 133 14.12 -18.77 -33.07
CA ASP B 133 13.73 -19.62 -34.18
C ASP B 133 12.38 -20.33 -34.01
N ALA B 134 11.82 -20.44 -32.81
CA ALA B 134 10.49 -21.06 -32.61
C ALA B 134 9.30 -20.09 -32.86
N LEU B 135 9.54 -18.75 -32.82
CA LEU B 135 8.48 -17.74 -32.98
C LEU B 135 7.75 -17.86 -34.33
N GLU B 136 8.46 -17.85 -35.47
CA GLU B 136 7.76 -17.87 -36.78
C GLU B 136 7.06 -19.24 -37.00
N PHE B 137 7.73 -20.32 -36.59
CA PHE B 137 7.12 -21.69 -36.66
C PHE B 137 5.73 -21.80 -36.02
N TRP B 138 5.58 -21.29 -34.78
CA TRP B 138 4.34 -21.35 -34.08
C TRP B 138 3.32 -20.29 -34.55
N LEU B 139 3.76 -19.10 -34.99
CA LEU B 139 2.84 -18.11 -35.57
C LEU B 139 2.20 -18.66 -36.88
N GLN B 140 3.03 -19.33 -37.69
CA GLN B 140 2.51 -20.07 -38.88
C GLN B 140 1.44 -21.15 -38.51
N ALA B 141 1.62 -21.87 -37.41
CA ALA B 141 0.62 -22.82 -36.90
C ALA B 141 -0.72 -22.19 -36.43
N GLY B 142 -0.68 -20.89 -36.10
CA GLY B 142 -1.86 -20.09 -35.77
C GLY B 142 -1.92 -19.65 -34.29
N VAL B 143 -0.84 -19.74 -33.54
CA VAL B 143 -0.91 -19.19 -32.13
C VAL B 143 -1.06 -17.65 -32.13
N ASP B 144 -1.69 -17.15 -31.06
CA ASP B 144 -2.00 -15.69 -30.88
C ASP B 144 -0.91 -14.88 -30.17
N GLY B 145 0.15 -15.56 -29.71
CA GLY B 145 1.26 -14.92 -28.96
C GLY B 145 1.98 -15.95 -28.07
N PHE B 146 2.89 -15.44 -27.26
CA PHE B 146 3.83 -16.25 -26.46
C PHE B 146 3.97 -15.69 -25.00
N GLN B 147 4.34 -16.58 -24.07
CA GLN B 147 4.77 -16.18 -22.70
C GLN B 147 6.19 -16.72 -22.44
N VAL B 148 7.04 -15.90 -21.80
CA VAL B 148 8.32 -16.36 -21.23
C VAL B 148 8.43 -15.93 -19.78
N ARG B 149 8.76 -16.84 -18.88
CA ARG B 149 8.77 -16.57 -17.42
C ARG B 149 10.20 -16.56 -16.84
N ASP B 150 10.34 -16.17 -15.58
CA ASP B 150 11.61 -16.25 -14.84
C ASP B 150 12.78 -15.45 -15.48
N ILE B 151 12.43 -14.32 -16.07
CA ILE B 151 13.34 -13.52 -16.86
C ILE B 151 14.43 -12.85 -16.02
N GLU B 152 14.25 -12.82 -14.68
CA GLU B 152 15.39 -12.59 -13.74
C GLU B 152 16.63 -13.48 -13.95
N ASN B 153 16.44 -14.69 -14.46
CA ASN B 153 17.54 -15.61 -14.77
C ASN B 153 18.05 -15.56 -16.24
N LEU B 154 17.55 -14.62 -17.06
CA LEU B 154 17.97 -14.49 -18.46
C LEU B 154 18.90 -13.31 -18.58
N LYS B 155 20.14 -13.57 -18.97
CA LYS B 155 21.14 -12.53 -19.21
C LYS B 155 20.74 -11.56 -20.34
N ASP B 156 20.96 -10.25 -20.13
CA ASP B 156 20.54 -9.25 -21.10
C ASP B 156 19.06 -9.41 -21.53
N ALA B 157 18.15 -9.67 -20.57
CA ALA B 157 16.70 -9.83 -20.85
C ALA B 157 16.07 -8.67 -21.60
N SER B 158 16.38 -7.42 -21.24
CA SER B 158 15.69 -6.32 -21.94
C SER B 158 15.95 -6.30 -23.48
N SER B 159 17.16 -6.67 -23.93
CA SER B 159 17.55 -6.75 -25.37
C SER B 159 16.87 -7.92 -26.10
N PHE B 160 16.87 -9.09 -25.46
CA PHE B 160 16.23 -10.27 -26.06
C PHE B 160 14.74 -10.04 -26.17
N LEU B 161 14.12 -9.50 -25.11
CA LEU B 161 12.66 -9.21 -25.15
C LEU B 161 12.25 -8.20 -26.27
N ALA B 162 13.10 -7.17 -26.48
CA ALA B 162 12.87 -6.23 -27.57
C ALA B 162 12.93 -6.92 -28.92
N GLU B 163 13.89 -7.82 -29.08
CA GLU B 163 14.06 -8.52 -30.35
C GLU B 163 12.82 -9.41 -30.64
N TRP B 164 12.41 -10.16 -29.61
CA TRP B 164 11.34 -11.16 -29.75
C TRP B 164 10.01 -10.43 -29.95
N GLN B 165 9.83 -9.28 -29.30
CA GLN B 165 8.66 -8.41 -29.54
C GLN B 165 8.59 -7.92 -30.96
N ASN B 166 9.73 -7.51 -31.52
N ASN B 166 9.74 -7.50 -31.51
CA ASN B 166 9.74 -6.98 -32.89
CA ASN B 166 9.83 -7.01 -32.89
C ASN B 166 9.43 -8.09 -33.93
C ASN B 166 9.44 -8.09 -33.92
N ILE B 167 9.87 -9.33 -33.69
CA ILE B 167 9.52 -10.45 -34.56
C ILE B 167 8.02 -10.81 -34.47
N THR B 168 7.47 -10.84 -33.27
CA THR B 168 6.03 -11.22 -33.00
C THR B 168 5.09 -10.15 -33.62
N LYS B 169 5.35 -8.85 -33.33
CA LYS B 169 4.53 -7.77 -33.92
C LYS B 169 4.71 -7.60 -35.44
N GLY B 170 5.90 -7.95 -35.97
CA GLY B 170 6.17 -7.93 -37.43
C GLY B 170 5.31 -8.92 -38.22
N PHE B 171 5.03 -10.05 -37.58
CA PHE B 171 4.07 -11.03 -38.12
C PHE B 171 2.69 -10.38 -38.17
N SER B 172 2.23 -9.82 -37.03
CA SER B 172 0.94 -9.10 -37.00
C SER B 172 0.88 -8.25 -35.76
N GLU B 173 0.37 -7.02 -35.88
CA GLU B 173 0.15 -6.18 -34.66
C GLU B 173 -0.90 -6.75 -33.67
N ASP B 174 -1.72 -7.70 -34.13
CA ASP B 174 -2.68 -8.43 -33.28
C ASP B 174 -2.08 -9.66 -32.53
N ARG B 175 -0.75 -9.77 -32.41
CA ARG B 175 -0.03 -10.85 -31.71
C ARG B 175 0.64 -10.28 -30.43
N LEU B 176 0.64 -11.06 -29.37
CA LEU B 176 1.02 -10.59 -27.99
C LEU B 176 2.30 -11.33 -27.51
N LEU B 177 3.21 -10.61 -26.86
CA LEU B 177 4.31 -11.22 -26.06
C LEU B 177 4.13 -10.83 -24.59
N ILE B 178 4.09 -11.83 -23.75
CA ILE B 178 4.01 -11.64 -22.28
C ILE B 178 5.32 -12.07 -21.67
N ALA B 179 5.92 -11.22 -20.81
CA ALA B 179 7.14 -11.61 -20.03
C ALA B 179 6.71 -11.70 -18.53
N GLY B 180 7.31 -12.64 -17.78
CA GLY B 180 7.07 -12.79 -16.29
C GLY B 180 8.36 -12.71 -15.51
N THR B 181 8.33 -12.08 -14.32
CA THR B 181 9.50 -11.99 -13.47
C THR B 181 9.05 -12.20 -12.02
N ASN B 182 9.97 -12.64 -11.16
CA ASN B 182 9.73 -12.73 -9.68
C ASN B 182 9.97 -11.41 -8.99
N SER B 183 10.42 -10.40 -9.72
CA SER B 183 10.73 -9.09 -9.05
C SER B 183 9.48 -8.41 -8.51
N SER B 184 9.63 -7.69 -7.36
CA SER B 184 8.60 -6.79 -6.81
C SER B 184 9.03 -5.32 -6.80
N ASP B 185 10.23 -5.02 -7.31
CA ASP B 185 10.84 -3.72 -7.26
C ASP B 185 10.45 -2.78 -8.43
N LEU B 186 9.90 -1.59 -8.07
CA LEU B 186 9.51 -0.59 -9.08
C LEU B 186 10.67 -0.21 -10.04
N GLN B 187 11.84 0.10 -9.51
CA GLN B 187 12.96 0.52 -10.37
C GLN B 187 13.43 -0.54 -11.39
N GLN B 188 13.43 -1.80 -10.96
CA GLN B 188 13.82 -2.92 -11.79
C GLN B 188 12.80 -3.11 -12.91
N ILE B 189 11.55 -3.01 -12.58
CA ILE B 189 10.47 -3.12 -13.57
C ILE B 189 10.53 -1.96 -14.55
N LEU B 190 10.68 -0.72 -14.04
CA LEU B 190 10.80 0.41 -14.95
C LEU B 190 12.00 0.25 -15.94
N SER B 191 13.14 -0.29 -15.51
CA SER B 191 14.32 -0.36 -16.40
C SER B 191 14.11 -1.41 -17.50
N LEU B 192 13.38 -2.48 -17.17
CA LEU B 192 12.98 -3.48 -18.17
C LEU B 192 12.06 -2.89 -19.26
N LEU B 193 11.13 -2.03 -18.87
CA LEU B 193 10.14 -1.50 -19.79
C LEU B 193 10.59 -0.21 -20.50
N GLU B 194 11.69 0.43 -20.08
CA GLU B 194 12.13 1.73 -20.66
C GLU B 194 12.29 1.73 -22.19
N SER B 195 12.88 0.68 -22.72
CA SER B 195 13.05 0.52 -24.15
C SER B 195 12.09 -0.54 -24.75
N ASN B 196 11.06 -0.89 -23.99
N ASN B 196 11.04 -0.90 -24.02
CA ASN B 196 10.11 -1.98 -24.30
CA ASN B 196 10.04 -1.89 -24.50
C ASN B 196 8.71 -1.49 -23.83
C ASN B 196 8.72 -1.48 -23.86
N LYS B 197 8.31 -0.25 -24.15
CA LYS B 197 7.13 0.38 -23.46
C LYS B 197 5.76 -0.31 -23.64
N ASP B 198 5.64 -1.09 -24.73
CA ASP B 198 4.43 -1.83 -25.09
C ASP B 198 4.41 -3.34 -24.66
N LEU B 199 5.44 -3.84 -23.98
CA LEU B 199 5.46 -5.23 -23.50
C LEU B 199 4.43 -5.40 -22.35
N LEU B 200 3.70 -6.52 -22.35
CA LEU B 200 2.88 -6.92 -21.16
C LEU B 200 3.74 -7.70 -20.19
N LEU B 201 3.80 -7.26 -18.91
CA LEU B 201 4.73 -7.85 -17.93
C LEU B 201 3.94 -8.26 -16.68
N THR B 202 4.04 -9.53 -16.23
CA THR B 202 3.48 -9.96 -14.94
C THR B 202 4.61 -10.04 -13.92
N SER B 203 4.32 -9.78 -12.64
CA SER B 203 5.34 -9.69 -11.64
C SER B 203 4.74 -9.85 -10.19
N SER B 204 5.62 -9.73 -9.19
CA SER B 204 5.27 -9.78 -7.74
C SER B 204 5.10 -8.40 -7.15
N TYR B 205 4.98 -7.34 -7.97
CA TYR B 205 4.78 -5.93 -7.47
C TYR B 205 3.67 -5.83 -6.41
N LEU B 206 2.53 -6.46 -6.63
CA LEU B 206 1.43 -6.43 -5.62
C LEU B 206 1.44 -7.54 -4.53
N SER B 207 2.31 -8.53 -4.57
CA SER B 207 2.25 -9.58 -3.54
C SER B 207 3.08 -9.24 -2.26
N ASP B 208 2.70 -9.79 -1.12
CA ASP B 208 3.53 -9.66 0.11
C ASP B 208 4.03 -8.23 0.49
N SER B 209 3.10 -7.27 0.53
CA SER B 209 3.31 -5.99 1.25
C SER B 209 2.21 -5.76 2.33
N GLY B 210 1.69 -6.82 2.97
CA GLY B 210 0.84 -6.69 4.19
C GLY B 210 -0.67 -6.36 4.07
N SER B 211 -1.05 -5.68 2.99
CA SER B 211 -2.45 -5.48 2.51
C SER B 211 -3.27 -4.24 3.00
N THR B 212 -2.68 -3.17 3.55
CA THR B 212 -3.57 -2.03 4.00
C THR B 212 -4.23 -1.38 2.77
N GLY B 213 -5.41 -0.79 2.98
CA GLY B 213 -6.10 -0.05 1.93
C GLY B 213 -5.20 1.04 1.39
N GLU B 214 -4.68 1.86 2.30
CA GLU B 214 -3.73 2.93 1.96
C GLU B 214 -2.45 2.49 1.20
N HIS B 215 -1.85 1.37 1.64
CA HIS B 215 -0.65 0.83 0.96
C HIS B 215 -0.96 0.31 -0.47
N THR B 216 -2.06 -0.41 -0.64
CA THR B 216 -2.47 -0.84 -1.99
C THR B 216 -2.73 0.37 -2.93
N LYS B 217 -3.40 1.39 -2.43
CA LYS B 217 -3.61 2.63 -3.19
C LYS B 217 -2.32 3.28 -3.62
N SER B 218 -1.32 3.33 -2.73
CA SER B 218 0.03 3.89 -3.04
C SER B 218 0.72 3.04 -4.16
N LEU B 219 0.71 1.71 -4.01
CA LEU B 219 1.33 0.82 -5.06
C LEU B 219 0.73 1.11 -6.45
N VAL B 220 -0.61 1.06 -6.54
CA VAL B 220 -1.34 1.20 -7.82
C VAL B 220 -1.14 2.59 -8.47
N THR B 221 -1.27 3.63 -7.67
CA THR B 221 -1.12 4.99 -8.19
C THR B 221 0.30 5.35 -8.61
N GLN B 222 1.28 5.00 -7.78
CA GLN B 222 2.68 5.26 -8.12
C GLN B 222 3.08 4.52 -9.41
N TYR B 223 2.63 3.27 -9.58
CA TYR B 223 2.95 2.54 -10.83
C TYR B 223 2.40 3.25 -12.10
N LEU B 224 1.12 3.59 -12.10
CA LEU B 224 0.51 4.34 -13.21
C LEU B 224 1.18 5.74 -13.43
N ASN B 225 1.50 6.46 -12.37
CA ASN B 225 2.12 7.75 -12.47
C ASN B 225 3.53 7.67 -13.09
N ALA B 226 4.21 6.55 -12.86
CA ALA B 226 5.58 6.31 -13.35
C ALA B 226 5.66 5.84 -14.81
N THR B 227 4.54 5.38 -15.35
CA THR B 227 4.52 4.71 -16.66
C THR B 227 3.54 5.40 -17.64
N GLY B 228 3.33 6.70 -17.46
CA GLY B 228 2.49 7.46 -18.38
C GLY B 228 1.08 6.97 -18.62
N ASN B 229 0.48 6.30 -17.61
CA ASN B 229 -0.87 5.70 -17.72
C ASN B 229 -0.98 4.73 -18.93
N ARG B 230 0.15 4.10 -19.31
CA ARG B 230 0.15 3.17 -20.46
C ARG B 230 -0.61 1.85 -20.09
N TRP B 231 -0.96 1.06 -21.08
CA TRP B 231 -1.65 -0.20 -20.80
C TRP B 231 -0.67 -1.10 -19.99
N CYS B 232 -1.20 -1.94 -19.06
CA CYS B 232 -0.35 -2.87 -18.27
C CYS B 232 -1.16 -4.13 -17.85
N SER B 233 -0.54 -5.15 -17.24
CA SER B 233 -1.31 -6.24 -16.59
C SER B 233 -1.62 -5.92 -15.11
N TRP B 234 -2.62 -6.58 -14.57
CA TRP B 234 -2.87 -6.66 -13.11
C TRP B 234 -2.90 -8.15 -12.68
N SER B 235 -2.03 -8.50 -11.73
CA SER B 235 -1.94 -9.89 -11.20
C SER B 235 -1.24 -9.89 -9.82
N LEU B 236 -1.27 -11.03 -9.09
CA LEU B 236 -0.46 -11.16 -7.83
C LEU B 236 0.86 -11.86 -8.04
N SER B 237 1.08 -12.43 -9.26
CA SER B 237 2.28 -13.23 -9.51
C SER B 237 2.37 -13.52 -11.05
N GLN B 238 3.54 -13.89 -11.50
CA GLN B 238 3.76 -14.43 -12.95
C GLN B 238 3.15 -15.82 -13.12
N ALA B 239 2.82 -16.51 -12.01
CA ALA B 239 2.30 -17.90 -12.10
C ALA B 239 1.46 -18.44 -10.92
N ARG B 240 1.79 -18.06 -9.69
CA ARG B 240 1.16 -18.65 -8.48
C ARG B 240 -0.30 -18.19 -8.24
N LEU B 241 -1.05 -19.06 -7.53
CA LEU B 241 -2.45 -18.83 -7.14
C LEU B 241 -2.60 -17.67 -6.16
N LEU B 242 -3.74 -16.97 -6.20
CA LEU B 242 -4.01 -15.91 -5.18
C LEU B 242 -3.89 -16.39 -3.73
N THR B 243 -4.31 -17.64 -3.46
CA THR B 243 -4.24 -18.22 -2.08
C THR B 243 -2.83 -18.51 -1.56
N SER B 244 -1.81 -18.48 -2.44
CA SER B 244 -0.37 -18.46 -2.06
C SER B 244 -0.05 -17.23 -1.21
N PHE B 245 -0.76 -16.15 -1.45
CA PHE B 245 -0.47 -14.83 -0.83
C PHE B 245 -1.55 -14.27 0.11
N LEU B 246 -2.81 -14.59 -0.13
CA LEU B 246 -3.97 -13.96 0.56
C LEU B 246 -4.75 -14.94 1.43
N PRO B 247 -5.26 -14.49 2.60
CA PRO B 247 -6.15 -15.31 3.42
C PRO B 247 -7.51 -15.36 2.74
N ALA B 248 -8.28 -16.43 3.00
CA ALA B 248 -9.57 -16.60 2.32
C ALA B 248 -10.49 -15.37 2.40
N GLN B 249 -10.44 -14.64 3.50
CA GLN B 249 -11.40 -13.56 3.65
C GLN B 249 -11.12 -12.33 2.77
N LEU B 250 -9.97 -12.26 2.07
CA LEU B 250 -9.71 -11.17 1.15
C LEU B 250 -9.83 -11.57 -0.31
N LEU B 251 -10.19 -12.84 -0.63
CA LEU B 251 -10.21 -13.24 -2.01
C LEU B 251 -11.22 -12.48 -2.90
N ARG B 252 -12.45 -12.31 -2.38
CA ARG B 252 -13.56 -11.68 -3.10
C ARG B 252 -13.24 -10.20 -3.40
N LEU B 253 -12.75 -9.51 -2.37
CA LEU B 253 -12.27 -8.14 -2.53
C LEU B 253 -11.21 -7.94 -3.64
N TYR B 254 -10.15 -8.76 -3.61
CA TYR B 254 -9.11 -8.74 -4.67
C TYR B 254 -9.63 -9.06 -6.07
N GLN B 255 -10.59 -10.01 -6.23
CA GLN B 255 -11.15 -10.25 -7.55
C GLN B 255 -11.89 -9.01 -8.10
N LEU B 256 -12.66 -8.35 -7.25
CA LEU B 256 -13.36 -7.13 -7.64
C LEU B 256 -12.31 -6.07 -8.08
N MET B 257 -11.26 -5.90 -7.30
CA MET B 257 -10.21 -4.89 -7.65
C MET B 257 -9.57 -5.27 -9.02
N LEU B 258 -9.09 -6.50 -9.15
CA LEU B 258 -8.39 -6.94 -10.40
C LEU B 258 -9.23 -6.82 -11.70
N PHE B 259 -10.53 -7.09 -11.62
CA PHE B 259 -11.43 -6.98 -12.76
C PHE B 259 -11.84 -5.50 -13.08
N THR B 260 -11.49 -4.50 -12.25
CA THR B 260 -11.90 -3.13 -12.49
C THR B 260 -10.74 -2.10 -12.47
N LEU B 261 -9.48 -2.54 -12.35
CA LEU B 261 -8.29 -1.68 -12.61
C LEU B 261 -7.99 -1.53 -14.12
N PRO B 262 -7.40 -0.40 -14.54
CA PRO B 262 -7.13 -0.14 -15.95
C PRO B 262 -5.96 -0.97 -16.50
N GLY B 263 -6.28 -2.02 -17.29
CA GLY B 263 -5.32 -2.96 -17.84
C GLY B 263 -5.93 -4.39 -17.99
N THR B 264 -5.07 -5.34 -18.35
CA THR B 264 -5.48 -6.75 -18.52
C THR B 264 -5.29 -7.56 -17.21
N PRO B 265 -6.39 -8.07 -16.62
CA PRO B 265 -6.23 -8.93 -15.46
C PRO B 265 -5.81 -10.38 -15.84
N VAL B 266 -4.88 -10.97 -15.07
CA VAL B 266 -4.34 -12.33 -15.34
C VAL B 266 -4.47 -13.24 -14.10
N PHE B 267 -5.11 -14.40 -14.29
CA PHE B 267 -5.37 -15.40 -13.25
C PHE B 267 -4.72 -16.72 -13.62
N SER B 268 -4.57 -17.60 -12.61
CA SER B 268 -4.18 -19.00 -12.86
C SER B 268 -5.33 -20.00 -12.58
N TYR B 269 -5.30 -21.14 -13.23
CA TYR B 269 -6.40 -22.12 -13.06
C TYR B 269 -6.69 -22.42 -11.58
N GLY B 270 -7.97 -22.34 -11.22
CA GLY B 270 -8.45 -22.55 -9.86
C GLY B 270 -8.71 -21.28 -9.08
N ASP B 271 -8.16 -20.16 -9.55
CA ASP B 271 -8.43 -18.89 -8.83
C ASP B 271 -9.97 -18.59 -8.75
N GLU B 272 -10.72 -19.02 -9.78
CA GLU B 272 -12.16 -18.78 -9.88
C GLU B 272 -12.97 -19.57 -8.83
N ILE B 273 -12.43 -20.70 -8.30
CA ILE B 273 -13.04 -21.39 -7.14
C ILE B 273 -12.27 -21.20 -5.81
N GLY B 274 -11.34 -20.23 -5.73
CA GLY B 274 -10.55 -20.07 -4.48
C GLY B 274 -9.67 -21.28 -4.13
N LEU B 275 -9.21 -22.00 -5.18
CA LEU B 275 -8.36 -23.22 -5.04
C LEU B 275 -7.18 -22.90 -4.12
N ASP B 276 -7.06 -23.67 -3.03
CA ASP B 276 -6.02 -23.52 -2.03
C ASP B 276 -5.31 -24.85 -1.80
N ALA B 277 -4.02 -24.90 -2.17
CA ALA B 277 -3.19 -26.14 -1.98
C ALA B 277 -3.10 -26.64 -0.55
N ALA B 278 -3.21 -25.74 0.44
CA ALA B 278 -3.19 -26.12 1.82
C ALA B 278 -4.47 -26.75 2.41
N ALA B 279 -5.59 -26.65 1.69
CA ALA B 279 -6.92 -26.99 2.22
C ALA B 279 -7.30 -28.51 2.17
N LEU B 280 -6.45 -29.30 1.48
CA LEU B 280 -6.64 -30.78 1.42
C LEU B 280 -5.29 -31.48 1.70
N PRO B 281 -5.33 -32.70 2.24
CA PRO B 281 -4.06 -33.47 2.47
C PRO B 281 -3.52 -33.84 1.11
N GLY B 282 -2.19 -33.83 0.96
CA GLY B 282 -1.55 -34.38 -0.25
C GLY B 282 -1.49 -33.59 -1.55
N GLN B 283 -1.95 -32.33 -1.57
CA GLN B 283 -1.87 -31.48 -2.80
C GLN B 283 -0.41 -30.96 -2.97
N PRO B 284 0.22 -31.13 -4.18
CA PRO B 284 1.51 -30.42 -4.44
C PRO B 284 1.36 -28.88 -4.24
N MET B 285 2.27 -28.30 -3.48
CA MET B 285 2.02 -26.92 -2.94
C MET B 285 1.99 -25.85 -3.99
N GLU B 286 2.70 -26.09 -5.10
CA GLU B 286 2.79 -25.14 -6.20
C GLU B 286 2.09 -25.60 -7.47
N ALA B 287 1.48 -26.80 -7.51
CA ALA B 287 0.73 -27.30 -8.67
C ALA B 287 -0.48 -28.22 -8.28
N PRO B 288 -1.45 -27.67 -7.54
CA PRO B 288 -2.60 -28.48 -7.01
C PRO B 288 -3.54 -28.93 -8.09
N VAL B 289 -4.13 -30.12 -7.86
CA VAL B 289 -5.15 -30.68 -8.70
C VAL B 289 -6.42 -29.86 -8.68
N MET B 290 -6.95 -29.61 -9.89
CA MET B 290 -8.24 -28.86 -10.04
C MET B 290 -9.46 -29.69 -9.53
N LEU B 291 -10.33 -29.07 -8.71
CA LEU B 291 -11.42 -29.77 -8.05
C LEU B 291 -12.75 -29.64 -8.81
N TRP B 292 -12.96 -30.48 -9.81
CA TRP B 292 -14.22 -30.42 -10.64
C TRP B 292 -15.49 -30.83 -9.86
N ASP B 293 -15.34 -31.85 -9.01
CA ASP B 293 -16.44 -32.39 -8.18
C ASP B 293 -15.87 -33.25 -7.04
N GLU B 294 -16.75 -33.77 -6.18
CA GLU B 294 -16.35 -34.49 -4.96
C GLU B 294 -15.59 -35.80 -5.23
N SER B 295 -15.58 -36.31 -6.48
CA SER B 295 -14.74 -37.48 -6.86
C SER B 295 -13.25 -37.18 -7.20
N SER B 296 -12.75 -35.92 -7.03
CA SER B 296 -11.37 -35.63 -7.41
C SER B 296 -10.21 -36.51 -6.85
N PHE B 297 -10.30 -36.89 -5.61
CA PHE B 297 -9.30 -37.72 -4.95
C PHE B 297 -10.06 -38.88 -4.25
N PRO B 298 -10.33 -39.97 -4.99
CA PRO B 298 -11.06 -41.07 -4.39
C PRO B 298 -10.41 -41.75 -3.17
N ASP B 299 -9.08 -41.60 -2.98
CA ASP B 299 -8.43 -42.14 -1.82
C ASP B 299 -8.61 -41.41 -0.48
N ILE B 300 -9.30 -40.27 -0.47
CA ILE B 300 -9.61 -39.52 0.77
C ILE B 300 -11.11 -39.18 0.90
N PRO B 301 -11.99 -40.21 0.93
CA PRO B 301 -13.43 -39.95 1.16
C PRO B 301 -13.73 -39.06 2.40
N GLY B 302 -14.54 -38.06 2.17
CA GLY B 302 -14.91 -37.10 3.21
C GLY B 302 -14.07 -35.79 3.24
N ALA B 303 -12.92 -35.77 2.59
CA ALA B 303 -12.09 -34.61 2.63
C ALA B 303 -12.53 -33.47 1.71
N VAL B 304 -12.99 -33.79 0.49
CA VAL B 304 -13.39 -32.76 -0.47
C VAL B 304 -14.85 -32.46 -0.20
N SER B 305 -15.16 -31.25 0.25
CA SER B 305 -16.57 -30.88 0.40
C SER B 305 -17.12 -30.18 -0.88
N ALA B 306 -18.44 -30.23 -1.05
CA ALA B 306 -19.06 -29.65 -2.25
C ALA B 306 -18.68 -28.16 -2.46
N ASN B 307 -18.62 -27.37 -1.40
CA ASN B 307 -18.28 -25.95 -1.54
C ASN B 307 -16.82 -25.63 -2.00
N MET B 308 -15.93 -26.64 -2.06
CA MET B 308 -14.66 -26.50 -2.70
C MET B 308 -14.62 -26.70 -4.22
N THR B 309 -15.72 -27.14 -4.83
CA THR B 309 -15.64 -27.73 -6.16
C THR B 309 -16.33 -26.83 -7.23
N VAL B 310 -16.00 -27.04 -8.51
CA VAL B 310 -16.74 -26.40 -9.61
C VAL B 310 -18.25 -26.72 -9.59
N LYS B 311 -18.62 -28.01 -9.47
CA LYS B 311 -20.02 -28.45 -9.51
C LYS B 311 -20.84 -27.79 -8.38
N GLY B 312 -20.27 -27.84 -7.17
CA GLY B 312 -20.92 -27.28 -5.99
C GLY B 312 -21.04 -25.76 -6.01
N GLN B 313 -19.97 -25.08 -6.41
CA GLN B 313 -20.01 -23.60 -6.58
C GLN B 313 -20.94 -23.07 -7.70
N SER B 314 -21.06 -23.83 -8.79
N SER B 314 -21.06 -23.83 -8.79
CA SER B 314 -21.96 -23.44 -9.91
CA SER B 314 -21.99 -23.47 -9.86
C SER B 314 -23.45 -23.44 -9.49
C SER B 314 -23.43 -23.38 -9.42
N GLU B 315 -23.80 -24.21 -8.44
CA GLU B 315 -25.17 -24.27 -7.92
C GLU B 315 -25.52 -23.23 -6.82
N ASP B 316 -24.56 -22.37 -6.45
CA ASP B 316 -24.68 -21.41 -5.35
C ASP B 316 -24.40 -19.96 -5.89
N PRO B 317 -25.45 -19.14 -6.04
CA PRO B 317 -25.26 -17.73 -6.44
C PRO B 317 -24.27 -16.93 -5.58
N GLY B 318 -24.05 -17.38 -4.34
CA GLY B 318 -23.11 -16.71 -3.42
C GLY B 318 -21.66 -17.16 -3.48
N SER B 319 -21.32 -18.10 -4.35
CA SER B 319 -19.94 -18.64 -4.44
C SER B 319 -18.91 -17.73 -5.09
N LEU B 320 -17.64 -18.04 -4.85
CA LEU B 320 -16.54 -17.37 -5.59
C LEU B 320 -16.68 -17.56 -7.13
N LEU B 321 -17.10 -18.72 -7.60
CA LEU B 321 -17.16 -18.93 -9.06
C LEU B 321 -18.29 -18.06 -9.68
N SER B 322 -19.42 -17.98 -8.98
CA SER B 322 -20.53 -17.14 -9.43
C SER B 322 -20.12 -15.64 -9.48
N LEU B 323 -19.35 -15.19 -8.49
CA LEU B 323 -18.82 -13.82 -8.48
C LEU B 323 -17.83 -13.59 -9.68
N PHE B 324 -16.85 -14.48 -9.86
CA PHE B 324 -15.91 -14.43 -10.97
C PHE B 324 -16.64 -14.30 -12.32
N ARG B 325 -17.64 -15.16 -12.58
CA ARG B 325 -18.40 -15.13 -13.81
C ARG B 325 -19.12 -13.77 -14.07
N ARG B 326 -19.74 -13.24 -13.02
CA ARG B 326 -20.41 -11.91 -13.12
C ARG B 326 -19.41 -10.77 -13.38
N LEU B 327 -18.29 -10.76 -12.66
CA LEU B 327 -17.28 -9.72 -12.86
C LEU B 327 -16.66 -9.78 -14.25
N SER B 328 -16.34 -10.98 -14.70
CA SER B 328 -15.78 -11.21 -16.05
C SER B 328 -16.73 -10.75 -17.17
N ASP B 329 -18.03 -11.03 -17.03
CA ASP B 329 -19.06 -10.51 -17.90
C ASP B 329 -18.99 -8.98 -18.00
N GLN B 330 -19.00 -8.27 -16.86
CA GLN B 330 -18.94 -6.79 -16.81
C GLN B 330 -17.64 -6.27 -17.44
N ARG B 331 -16.52 -6.91 -17.14
CA ARG B 331 -15.20 -6.44 -17.66
C ARG B 331 -15.11 -6.52 -19.19
N SER B 332 -15.76 -7.52 -19.78
N SER B 332 -15.76 -7.53 -19.80
CA SER B 332 -15.74 -7.77 -21.22
CA SER B 332 -15.72 -7.74 -21.24
C SER B 332 -16.90 -7.16 -22.02
C SER B 332 -16.75 -6.94 -22.06
N LYS B 333 -17.74 -6.33 -21.40
CA LYS B 333 -18.83 -5.60 -22.13
C LYS B 333 -19.01 -4.12 -21.82
N GLU B 334 -18.55 -3.62 -20.67
CA GLU B 334 -18.77 -2.23 -20.28
C GLU B 334 -17.60 -1.32 -20.75
N ARG B 335 -17.90 -0.32 -21.60
CA ARG B 335 -16.83 0.42 -22.30
C ARG B 335 -15.89 1.14 -21.33
N SER B 336 -16.41 1.60 -20.20
CA SER B 336 -15.63 2.21 -19.15
C SER B 336 -14.65 1.27 -18.45
N LEU B 337 -14.97 -0.02 -18.36
CA LEU B 337 -14.03 -1.04 -17.82
C LEU B 337 -13.08 -1.58 -18.88
N LEU B 338 -13.50 -1.57 -20.15
CA LEU B 338 -12.67 -1.92 -21.32
C LEU B 338 -11.51 -0.92 -21.61
N HIS B 339 -11.85 0.38 -21.54
CA HIS B 339 -11.13 1.56 -22.13
C HIS B 339 -10.89 2.73 -21.16
N GLY B 340 -11.54 2.69 -19.99
CA GLY B 340 -11.72 3.87 -19.15
C GLY B 340 -10.48 4.50 -18.55
N ASP B 341 -10.61 5.79 -18.25
CA ASP B 341 -9.64 6.49 -17.45
C ASP B 341 -9.82 6.01 -16.01
N PHE B 342 -8.92 6.42 -15.12
CA PHE B 342 -8.93 5.99 -13.71
C PHE B 342 -8.59 7.21 -12.84
N HIS B 343 -9.39 7.48 -11.79
CA HIS B 343 -9.04 8.45 -10.74
C HIS B 343 -9.38 7.92 -9.35
N ALA B 344 -8.41 8.05 -8.43
CA ALA B 344 -8.52 7.50 -7.05
C ALA B 344 -8.82 8.58 -6.01
N PHE B 345 -9.62 8.21 -5.04
CA PHE B 345 -9.80 9.04 -3.82
C PHE B 345 -8.65 8.83 -2.83
N SER B 346 -8.51 9.71 -1.84
CA SER B 346 -7.68 9.41 -0.68
C SER B 346 -8.64 9.20 0.50
N ALA B 347 -9.16 7.99 0.56
CA ALA B 347 -10.11 7.61 1.64
C ALA B 347 -9.33 7.33 2.95
N GLY B 348 -10.02 6.91 4.02
CA GLY B 348 -9.35 6.60 5.31
C GLY B 348 -8.29 5.48 5.28
N PRO B 349 -7.61 5.24 6.42
CA PRO B 349 -6.98 3.95 6.66
C PRO B 349 -8.06 2.87 6.53
N GLY B 350 -7.70 1.70 6.01
CA GLY B 350 -8.66 0.63 5.71
C GLY B 350 -9.24 0.66 4.28
N LEU B 351 -9.41 1.85 3.67
CA LEU B 351 -10.16 1.99 2.38
C LEU B 351 -9.28 2.30 1.16
N PHE B 352 -9.75 1.83 0.01
CA PHE B 352 -9.25 2.14 -1.34
C PHE B 352 -10.48 2.29 -2.23
N SER B 353 -10.64 3.45 -2.83
CA SER B 353 -11.80 3.75 -3.65
C SER B 353 -11.44 4.57 -4.89
N TYR B 354 -12.14 4.31 -5.99
CA TYR B 354 -11.82 4.91 -7.30
C TYR B 354 -12.98 4.82 -8.32
N ILE B 355 -12.86 5.61 -9.41
CA ILE B 355 -13.86 5.70 -10.50
C ILE B 355 -13.22 5.32 -11.84
N ARG B 356 -13.98 4.56 -12.63
CA ARG B 356 -13.69 4.26 -14.04
C ARG B 356 -14.74 4.95 -14.94
N HIS B 357 -14.25 5.63 -15.99
CA HIS B 357 -15.10 6.44 -16.91
C HIS B 357 -14.50 6.58 -18.33
N TRP B 358 -15.37 6.42 -19.34
CA TRP B 358 -15.04 6.63 -20.77
C TRP B 358 -16.14 7.47 -21.47
N ASP B 359 -15.74 8.50 -22.20
CA ASP B 359 -16.59 9.29 -23.12
C ASP B 359 -18.05 9.41 -22.69
N GLN B 360 -19.03 8.87 -23.42
CA GLN B 360 -20.44 9.02 -23.04
C GLN B 360 -21.14 7.72 -22.57
N ASN B 361 -20.39 6.85 -21.90
CA ASN B 361 -20.88 5.55 -21.47
C ASN B 361 -21.06 5.51 -19.95
N GLU B 362 -21.68 4.45 -19.47
CA GLU B 362 -21.95 4.22 -18.04
C GLU B 362 -20.62 4.25 -17.22
N ARG B 363 -20.59 5.02 -16.13
CA ARG B 363 -19.47 5.09 -15.16
C ARG B 363 -19.60 4.08 -13.97
N PHE B 364 -18.46 3.65 -13.41
CA PHE B 364 -18.40 2.72 -12.27
C PHE B 364 -17.61 3.28 -11.11
N LEU B 365 -18.15 3.12 -9.89
CA LEU B 365 -17.49 3.51 -8.65
C LEU B 365 -17.16 2.21 -7.89
N VAL B 366 -15.90 2.03 -7.45
CA VAL B 366 -15.45 0.88 -6.69
C VAL B 366 -15.06 1.34 -5.27
N VAL B 367 -15.59 0.67 -4.25
CA VAL B 367 -15.24 1.02 -2.84
C VAL B 367 -14.80 -0.30 -2.17
N LEU B 368 -13.57 -0.33 -1.64
CA LEU B 368 -12.96 -1.52 -1.01
C LEU B 368 -12.56 -1.30 0.45
N ASN B 369 -13.11 -2.10 1.37
CA ASN B 369 -12.72 -2.11 2.77
C ASN B 369 -11.80 -3.31 3.09
N PHE B 370 -10.49 -3.02 3.15
CA PHE B 370 -9.46 -4.02 3.45
C PHE B 370 -9.45 -4.47 4.92
N GLY B 371 -10.02 -3.64 5.78
CA GLY B 371 -10.01 -3.81 7.25
C GLY B 371 -11.03 -4.77 7.82
N ASP B 372 -10.89 -5.01 9.12
CA ASP B 372 -11.72 -5.98 9.85
C ASP B 372 -12.83 -5.34 10.70
N VAL B 373 -13.16 -4.08 10.45
CA VAL B 373 -14.26 -3.42 11.13
C VAL B 373 -15.14 -2.68 10.12
N GLY B 374 -16.36 -2.35 10.53
CA GLY B 374 -17.33 -1.67 9.70
C GLY B 374 -17.05 -0.20 9.67
N LEU B 375 -17.18 0.44 8.50
CA LEU B 375 -16.74 1.84 8.29
C LEU B 375 -17.75 2.68 7.51
N SER B 376 -17.90 3.93 7.87
CA SER B 376 -18.51 4.89 6.96
C SER B 376 -17.46 5.31 5.96
N ALA B 377 -17.77 5.23 4.68
CA ALA B 377 -16.99 5.95 3.69
C ALA B 377 -17.49 7.40 3.78
N GLY B 378 -16.55 8.34 3.82
CA GLY B 378 -16.87 9.74 3.68
C GLY B 378 -16.06 10.30 2.53
N LEU B 379 -16.40 9.84 1.32
CA LEU B 379 -15.64 10.19 0.12
C LEU B 379 -15.67 11.69 -0.20
N GLN B 380 -14.51 12.26 -0.53
CA GLN B 380 -14.39 13.69 -0.82
C GLN B 380 -14.35 13.98 -2.32
N ALA B 381 -15.39 14.64 -2.82
CA ALA B 381 -15.45 15.08 -4.22
C ALA B 381 -14.19 15.84 -4.71
N SER B 382 -13.67 16.79 -3.93
CA SER B 382 -12.50 17.58 -4.37
C SER B 382 -11.17 16.80 -4.51
N ASP B 383 -11.11 15.54 -4.02
CA ASP B 383 -10.02 14.57 -4.37
C ASP B 383 -9.89 14.29 -5.86
N LEU B 384 -10.99 14.41 -6.61
CA LEU B 384 -10.96 14.22 -8.08
C LEU B 384 -10.61 15.56 -8.79
N PRO B 385 -10.23 15.51 -10.11
CA PRO B 385 -9.96 16.75 -10.84
C PRO B 385 -11.23 17.57 -10.99
N ALA B 386 -11.06 18.90 -11.13
CA ALA B 386 -12.17 19.90 -11.21
C ALA B 386 -13.36 19.54 -12.12
N SER B 387 -13.09 18.84 -13.24
CA SER B 387 -14.07 18.55 -14.29
C SER B 387 -14.95 17.31 -14.05
N ALA B 388 -14.50 16.38 -13.21
CA ALA B 388 -15.33 15.24 -12.82
C ALA B 388 -16.43 15.69 -11.84
N SER B 389 -17.49 14.89 -11.71
CA SER B 389 -18.42 15.01 -10.57
C SER B 389 -19.23 13.72 -10.37
N LEU B 390 -19.87 13.62 -9.20
CA LEU B 390 -20.61 12.44 -8.80
C LEU B 390 -22.10 12.78 -8.67
N PRO B 391 -23.01 11.81 -8.92
CA PRO B 391 -24.40 12.11 -8.54
C PRO B 391 -24.60 11.94 -7.03
N ALA B 392 -25.74 12.40 -6.52
CA ALA B 392 -26.14 12.14 -5.13
C ALA B 392 -26.35 10.64 -4.84
N LYS B 393 -26.93 9.92 -5.81
CA LYS B 393 -27.17 8.46 -5.71
C LYS B 393 -26.77 7.67 -6.98
N ALA B 394 -26.38 6.42 -6.75
CA ALA B 394 -25.99 5.45 -7.79
C ALA B 394 -26.58 4.07 -7.48
N ASP B 395 -26.98 3.37 -8.54
CA ASP B 395 -27.53 2.03 -8.45
C ASP B 395 -26.43 1.01 -8.09
N LEU B 396 -26.74 0.15 -7.11
CA LEU B 396 -25.82 -0.93 -6.69
C LEU B 396 -25.85 -1.99 -7.80
N LEU B 397 -24.70 -2.33 -8.35
CA LEU B 397 -24.61 -3.40 -9.32
C LEU B 397 -24.48 -4.72 -8.54
N LEU B 398 -23.45 -4.81 -7.71
CA LEU B 398 -23.30 -5.90 -6.75
C LEU B 398 -22.45 -5.51 -5.53
N SER B 399 -22.65 -6.27 -4.43
CA SER B 399 -21.67 -6.34 -3.34
C SER B 399 -20.96 -7.69 -3.35
N THR B 400 -19.74 -7.75 -2.81
CA THR B 400 -19.11 -9.04 -2.52
C THR B 400 -19.79 -9.87 -1.38
N GLN B 401 -20.69 -9.26 -0.58
CA GLN B 401 -21.35 -9.91 0.52
C GLN B 401 -22.89 -9.90 0.34
N PRO B 402 -23.59 -10.92 0.84
CA PRO B 402 -25.03 -11.05 0.54
C PRO B 402 -25.89 -10.12 1.36
N GLY B 403 -27.14 -9.93 0.93
CA GLY B 403 -28.14 -9.25 1.75
C GLY B 403 -28.54 -7.83 1.35
N ARG B 404 -27.90 -7.24 0.35
CA ARG B 404 -28.32 -5.92 -0.17
C ARG B 404 -29.25 -6.03 -1.39
N GLU B 405 -30.02 -4.96 -1.65
CA GLU B 405 -30.90 -4.89 -2.85
C GLU B 405 -30.18 -4.34 -4.12
N GLU B 406 -29.86 -5.28 -5.01
CA GLU B 406 -29.26 -4.96 -6.32
C GLU B 406 -30.30 -4.30 -7.22
N GLY B 407 -29.84 -3.47 -8.14
CA GLY B 407 -30.75 -2.75 -9.04
C GLY B 407 -31.41 -1.53 -8.45
N SER B 408 -31.19 -1.25 -7.16
CA SER B 408 -31.82 -0.09 -6.49
C SER B 408 -30.77 0.97 -6.13
N PRO B 409 -31.17 2.25 -6.03
CA PRO B 409 -30.19 3.30 -5.69
C PRO B 409 -29.63 3.25 -4.25
N LEU B 410 -28.37 3.63 -4.09
CA LEU B 410 -27.73 3.89 -2.80
C LEU B 410 -27.26 5.36 -2.74
N GLU B 411 -27.39 6.02 -1.56
CA GLU B 411 -26.96 7.43 -1.35
C GLU B 411 -25.48 7.52 -0.98
N LEU B 412 -24.72 8.29 -1.75
CA LEU B 412 -23.26 8.13 -1.77
C LEU B 412 -22.54 8.77 -0.60
N GLU B 413 -23.06 9.90 -0.12
CA GLU B 413 -22.51 10.50 1.11
C GLU B 413 -22.68 9.62 2.36
N ARG B 414 -23.54 8.60 2.30
CA ARG B 414 -23.90 7.78 3.47
C ARG B 414 -23.44 6.31 3.47
N LEU B 415 -22.54 5.90 2.57
CA LEU B 415 -22.15 4.50 2.46
C LEU B 415 -21.53 3.98 3.74
N LYS B 416 -21.98 2.82 4.20
CA LYS B 416 -21.31 2.07 5.28
C LYS B 416 -20.98 0.64 4.79
N LEU B 417 -19.71 0.24 4.90
CA LEU B 417 -19.20 -1.05 4.40
C LEU B 417 -18.87 -1.95 5.58
N GLU B 418 -19.25 -3.21 5.48
CA GLU B 418 -18.92 -4.23 6.49
C GLU B 418 -17.47 -4.67 6.34
N PRO B 419 -16.93 -5.39 7.35
CA PRO B 419 -15.55 -5.93 7.25
C PRO B 419 -15.31 -6.69 5.97
N HIS B 420 -14.22 -6.34 5.26
CA HIS B 420 -13.79 -6.98 4.02
C HIS B 420 -14.76 -6.88 2.81
N GLU B 421 -15.78 -6.00 2.89
CA GLU B 421 -16.77 -5.82 1.81
C GLU B 421 -16.26 -4.94 0.67
N GLY B 422 -16.59 -5.33 -0.56
CA GLY B 422 -16.41 -4.47 -1.73
C GLY B 422 -17.73 -4.17 -2.40
N LEU B 423 -17.90 -2.94 -2.88
CA LEU B 423 -19.08 -2.51 -3.64
C LEU B 423 -18.72 -2.03 -5.04
N LEU B 424 -19.57 -2.41 -5.99
CA LEU B 424 -19.51 -1.97 -7.38
C LEU B 424 -20.80 -1.21 -7.65
N LEU B 425 -20.72 0.11 -7.85
CA LEU B 425 -21.90 0.95 -8.22
C LEU B 425 -21.76 1.49 -9.62
N ARG B 426 -22.87 1.93 -10.19
CA ARG B 426 -22.90 2.40 -11.58
C ARG B 426 -23.74 3.67 -11.67
N PHE B 427 -23.38 4.54 -12.61
CA PHE B 427 -24.20 5.73 -12.90
C PHE B 427 -24.05 6.21 -14.35
N PRO B 428 -25.16 6.71 -14.97
CA PRO B 428 -25.16 7.02 -16.42
C PRO B 428 -24.40 8.32 -16.78
N TYR B 429 -24.04 8.44 -18.07
CA TYR B 429 -23.61 9.73 -18.62
C TYR B 429 -24.74 10.76 -18.49
N ALA B 430 -24.52 11.79 -17.68
CA ALA B 430 -25.33 12.99 -17.68
C ALA B 430 -24.41 14.06 -18.26
N ALA B 431 -24.91 14.85 -19.22
CA ALA B 431 -24.20 16.02 -19.76
C ALA B 431 -23.86 16.97 -18.62
N ILE C 8 2.76 41.26 -4.50
CA ILE C 8 3.18 41.40 -5.92
C ILE C 8 2.02 40.93 -6.82
N PRO C 9 1.24 41.85 -7.46
CA PRO C 9 0.22 41.38 -8.44
C PRO C 9 0.80 40.70 -9.68
N ALA C 10 -0.02 39.86 -10.34
CA ALA C 10 0.37 39.23 -11.58
C ALA C 10 0.60 40.28 -12.66
N PRO C 11 1.56 40.06 -13.56
CA PRO C 11 1.72 41.05 -14.64
C PRO C 11 0.60 40.94 -15.65
N PRO C 12 0.39 42.02 -16.42
CA PRO C 12 -0.49 41.86 -17.58
C PRO C 12 0.13 40.90 -18.60
N LEU C 13 -0.74 40.17 -19.29
CA LEU C 13 -0.28 39.17 -20.24
C LEU C 13 0.43 39.81 -21.43
N SER C 14 0.09 41.03 -21.76
CA SER C 14 0.80 41.77 -22.81
C SER C 14 2.31 41.87 -22.59
N LYS C 15 2.76 41.76 -21.34
CA LYS C 15 4.21 41.75 -20.98
C LYS C 15 4.90 40.41 -20.98
N VAL C 16 4.18 39.33 -21.32
CA VAL C 16 4.73 37.98 -21.33
C VAL C 16 4.80 37.52 -22.79
N PRO C 17 6.01 37.49 -23.40
CA PRO C 17 6.09 37.03 -24.81
C PRO C 17 5.73 35.59 -25.01
N LEU C 18 5.28 35.25 -26.23
CA LEU C 18 4.98 33.87 -26.68
C LEU C 18 6.00 33.38 -27.73
N GLN C 19 6.68 32.25 -27.52
CA GLN C 19 7.64 31.72 -28.53
C GLN C 19 6.98 31.68 -29.94
N GLN C 20 7.57 32.35 -30.92
CA GLN C 20 7.03 32.37 -32.29
C GLN C 20 7.12 30.97 -32.96
N ASN C 21 6.09 30.60 -33.73
CA ASN C 21 6.08 29.33 -34.51
C ASN C 21 6.39 28.09 -33.63
N PHE C 22 5.74 27.98 -32.47
CA PHE C 22 6.08 26.93 -31.49
C PHE C 22 5.90 25.54 -32.10
N GLN C 23 6.90 24.69 -31.87
CA GLN C 23 7.01 23.33 -32.43
C GLN C 23 6.81 22.29 -31.28
N ASP C 24 5.60 21.77 -31.18
CA ASP C 24 5.25 20.87 -30.07
C ASP C 24 6.08 19.56 -29.99
N ASN C 25 6.41 18.95 -31.13
CA ASN C 25 7.20 17.70 -31.10
C ASN C 25 8.68 17.99 -30.76
N GLN C 26 9.25 19.11 -31.21
CA GLN C 26 10.62 19.45 -30.80
C GLN C 26 10.75 19.76 -29.31
N PHE C 27 9.68 20.24 -28.70
CA PHE C 27 9.66 20.49 -27.21
C PHE C 27 9.49 19.23 -26.29
N HIS C 28 9.12 18.08 -26.85
CA HIS C 28 8.82 16.90 -26.01
C HIS C 28 10.06 16.32 -25.35
N GLY C 29 9.84 15.52 -24.29
CA GLY C 29 10.95 14.82 -23.59
C GLY C 29 11.24 15.38 -22.24
N LYS C 30 12.46 15.09 -21.74
CA LYS C 30 12.84 15.43 -20.35
C LYS C 30 13.43 16.85 -20.29
N TRP C 31 12.99 17.60 -19.29
CA TRP C 31 13.55 18.93 -18.99
C TRP C 31 13.83 19.02 -17.50
N TYR C 32 15.05 19.40 -17.14
CA TYR C 32 15.44 19.58 -15.72
C TYR C 32 15.01 20.97 -15.25
N VAL C 33 14.54 21.11 -14.00
CA VAL C 33 14.09 22.45 -13.47
C VAL C 33 15.35 23.18 -12.83
N VAL C 34 16.04 23.98 -13.64
CA VAL C 34 17.30 24.64 -13.30
C VAL C 34 17.08 25.89 -12.42
N GLY C 35 16.03 26.68 -12.73
CA GLY C 35 15.65 27.90 -11.97
C GLY C 35 14.16 28.05 -11.77
N ARG C 36 13.75 28.59 -10.60
CA ARG C 36 12.35 28.78 -10.23
C ARG C 36 12.22 30.21 -9.65
N ALA C 37 11.40 31.07 -10.29
CA ALA C 37 11.10 32.47 -9.82
C ALA C 37 9.61 32.63 -9.50
N GLY C 38 9.29 33.11 -8.31
CA GLY C 38 7.91 33.13 -7.89
C GLY C 38 7.68 33.76 -6.50
N ASN C 39 6.43 33.72 -6.03
CA ASN C 39 6.01 34.26 -4.71
C ASN C 39 5.50 33.14 -3.78
N THR C 40 6.30 32.09 -3.60
CA THR C 40 5.96 30.91 -2.76
C THR C 40 6.56 30.90 -1.33
N GLY C 41 7.50 31.84 -1.04
CA GLY C 41 8.35 31.80 0.16
C GLY C 41 9.80 31.25 -0.02
N LEU C 42 10.13 30.66 -1.16
CA LEU C 42 11.54 30.32 -1.49
C LEU C 42 12.32 31.60 -1.69
N ARG C 43 13.57 31.66 -1.20
CA ARG C 43 14.44 32.87 -1.28
C ARG C 43 15.89 32.47 -1.58
N GLU C 44 16.68 33.40 -2.18
CA GLU C 44 18.07 33.12 -2.62
C GLU C 44 19.02 32.78 -1.48
N ASP C 45 18.79 33.31 -0.28
CA ASP C 45 19.72 33.15 0.84
C ASP C 45 19.47 31.92 1.76
N LYS C 46 18.68 30.96 1.31
CA LYS C 46 18.41 29.72 2.07
C LYS C 46 18.26 28.50 1.16
N ASP C 47 18.18 27.30 1.74
CA ASP C 47 18.04 26.04 0.95
C ASP C 47 17.02 26.19 -0.19
N PRO C 48 17.50 26.07 -1.46
CA PRO C 48 16.64 26.23 -2.64
C PRO C 48 15.88 24.96 -3.04
N GLY C 49 16.13 23.83 -2.34
CA GLY C 49 15.53 22.54 -2.65
C GLY C 49 16.41 21.70 -3.58
N LYS C 50 16.08 20.43 -3.72
CA LYS C 50 16.79 19.54 -4.64
C LYS C 50 16.12 19.58 -5.97
N MET C 51 16.91 19.42 -7.04
CA MET C 51 16.43 19.41 -8.44
C MET C 51 15.48 18.27 -8.76
N PHE C 52 14.38 18.58 -9.45
CA PHE C 52 13.50 17.55 -10.03
C PHE C 52 13.44 17.69 -11.56
N ALA C 53 12.88 16.69 -12.24
CA ALA C 53 12.67 16.71 -13.70
C ALA C 53 11.16 16.71 -14.05
N THR C 54 10.83 17.27 -15.23
CA THR C 54 9.49 17.34 -15.84
C THR C 54 9.58 16.62 -17.23
N ILE C 55 8.74 15.61 -17.46
CA ILE C 55 8.74 14.93 -18.76
C ILE C 55 7.47 15.30 -19.54
N TYR C 56 7.63 15.81 -20.77
CA TYR C 56 6.51 16.21 -21.64
C TYR C 56 6.29 15.14 -22.69
N GLU C 57 5.16 14.40 -22.64
CA GLU C 57 4.84 13.39 -23.64
C GLU C 57 3.68 13.92 -24.52
N LEU C 58 3.94 14.10 -25.82
CA LEU C 58 2.92 14.56 -26.77
C LEU C 58 2.00 13.45 -27.18
N LYS C 59 0.70 13.65 -26.98
CA LYS C 59 -0.33 12.68 -27.35
C LYS C 59 -0.91 12.94 -28.77
N GLU C 60 -1.67 11.97 -29.24
CA GLU C 60 -2.24 11.99 -30.61
C GLU C 60 -3.23 13.15 -30.76
N ASP C 61 -3.89 13.53 -29.65
CA ASP C 61 -4.78 14.70 -29.66
C ASP C 61 -4.10 16.07 -29.43
N LYS C 62 -2.77 16.09 -29.37
CA LYS C 62 -1.96 17.31 -29.21
C LYS C 62 -1.91 17.92 -27.79
N SER C 63 -2.54 17.26 -26.80
CA SER C 63 -2.28 17.58 -25.38
C SER C 63 -0.90 17.01 -24.98
N TYR C 64 -0.35 17.45 -23.86
CA TYR C 64 0.82 16.75 -23.27
C TYR C 64 0.38 16.06 -21.98
N ASN C 65 0.82 14.81 -21.76
CA ASN C 65 0.86 14.25 -20.40
C ASN C 65 2.17 14.70 -19.77
N VAL C 66 2.08 15.39 -18.63
CA VAL C 66 3.26 15.94 -17.98
C VAL C 66 3.54 15.15 -16.67
N THR C 67 4.73 14.56 -16.56
CA THR C 67 5.14 13.76 -15.37
C THR C 67 6.22 14.53 -14.53
N TYR C 68 6.00 14.69 -13.22
CA TYR C 68 7.07 15.13 -12.32
C TYR C 68 7.76 13.93 -11.68
N VAL C 69 9.09 13.92 -11.71
CA VAL C 69 9.90 12.84 -11.13
C VAL C 69 10.86 13.48 -10.12
N TRP C 70 10.86 12.98 -8.88
CA TRP C 70 11.76 13.48 -7.83
C TRP C 70 12.19 12.45 -6.81
N PHE C 71 13.17 12.84 -5.99
CA PHE C 71 13.67 11.98 -4.93
C PHE C 71 13.06 12.42 -3.58
N GLY C 72 12.25 11.54 -2.98
CA GLY C 72 11.64 11.79 -1.68
C GLY C 72 12.59 11.41 -0.56
N GLN C 73 12.09 10.78 0.49
CA GLN C 73 12.95 10.59 1.67
C GLN C 73 13.98 9.47 1.47
N LYS C 74 13.52 8.31 1.01
CA LYS C 74 14.47 7.25 0.62
C LYS C 74 14.06 6.54 -0.67
N LYS C 75 13.19 7.11 -1.48
CA LYS C 75 12.80 6.46 -2.74
C LYS C 75 12.38 7.51 -3.78
N CYS C 76 12.36 7.10 -5.06
CA CYS C 76 11.81 7.92 -6.13
C CYS C 76 10.28 8.03 -6.02
N MET C 77 9.79 9.20 -6.42
CA MET C 77 8.37 9.60 -6.44
C MET C 77 7.90 10.15 -7.80
N TYR C 78 6.60 9.96 -8.08
CA TYR C 78 6.01 10.31 -9.40
C TYR C 78 4.60 10.91 -9.25
N SER C 79 4.35 11.97 -10.03
N SER C 79 4.34 11.94 -10.06
CA SER C 79 3.03 12.63 -10.18
CA SER C 79 3.03 12.60 -10.17
C SER C 79 2.74 12.95 -11.65
C SER C 79 2.73 12.97 -11.64
N ILE C 80 1.46 12.87 -12.07
CA ILE C 80 1.07 13.02 -13.52
C ILE C 80 -0.18 13.85 -13.77
N GLY C 81 -0.16 14.66 -14.83
CA GLY C 81 -1.28 15.57 -15.19
C GLY C 81 -1.33 15.90 -16.69
N THR C 82 -2.39 16.60 -17.13
CA THR C 82 -2.55 16.87 -18.55
C THR C 82 -2.66 18.38 -18.88
N PHE C 83 -1.78 18.86 -19.77
CA PHE C 83 -1.81 20.21 -20.36
C PHE C 83 -2.59 20.16 -21.70
N VAL C 84 -3.71 20.87 -21.74
CA VAL C 84 -4.63 20.94 -22.84
C VAL C 84 -4.29 22.18 -23.70
N PRO C 85 -4.18 22.04 -25.05
CA PRO C 85 -3.84 23.17 -25.91
C PRO C 85 -4.80 24.31 -25.72
N GLY C 86 -4.26 25.53 -25.67
CA GLY C 86 -5.07 26.72 -25.54
C GLY C 86 -5.31 27.44 -26.87
N SER C 87 -5.34 28.78 -26.81
CA SER C 87 -5.66 29.68 -27.93
C SER C 87 -4.72 29.72 -29.10
N GLN C 88 -3.43 29.68 -28.79
CA GLN C 88 -2.36 29.81 -29.76
C GLN C 88 -1.33 28.70 -29.49
N PRO C 89 -0.53 28.36 -30.51
CA PRO C 89 0.55 27.38 -30.33
C PRO C 89 1.55 27.79 -29.24
N GLY C 90 1.82 26.92 -28.27
CA GLY C 90 2.71 27.24 -27.12
C GLY C 90 1.99 27.68 -25.83
N GLU C 91 0.65 27.77 -25.87
CA GLU C 91 -0.19 28.01 -24.66
C GLU C 91 -1.01 26.79 -24.33
N PHE C 92 -1.21 26.56 -23.03
CA PHE C 92 -1.93 25.39 -22.50
C PHE C 92 -2.77 25.76 -21.26
N THR C 93 -3.76 24.93 -20.96
CA THR C 93 -4.56 25.08 -19.73
C THR C 93 -4.62 23.76 -18.93
N LEU C 94 -4.92 23.90 -17.65
CA LEU C 94 -5.29 22.80 -16.76
C LEU C 94 -6.46 23.33 -15.88
N GLY C 95 -7.52 22.53 -15.69
CA GLY C 95 -8.70 22.98 -14.93
C GLY C 95 -9.65 23.89 -15.71
N ASN C 96 -10.68 24.36 -15.01
CA ASN C 96 -11.88 25.01 -15.60
C ASN C 96 -12.21 26.40 -14.95
N ILE C 97 -12.07 27.48 -15.74
CA ILE C 97 -12.59 28.84 -15.36
C ILE C 97 -14.14 28.85 -15.34
N LYS C 98 -14.76 27.85 -15.97
CA LYS C 98 -16.16 27.89 -16.41
C LYS C 98 -16.97 27.08 -15.39
N SER C 99 -16.67 25.79 -15.33
CA SER C 99 -17.22 24.88 -14.33
C SER C 99 -16.19 24.76 -13.18
N ALA C 100 -16.20 25.74 -12.27
CA ALA C 100 -15.49 25.63 -10.99
C ALA C 100 -16.49 25.40 -9.80
N PRO C 101 -16.97 26.46 -9.06
CA PRO C 101 -16.64 27.89 -8.94
C PRO C 101 -15.46 28.19 -7.97
N GLY C 102 -15.13 27.25 -7.07
CA GLY C 102 -14.08 27.43 -6.07
C GLY C 102 -12.84 26.55 -6.22
N ARG C 103 -12.66 25.88 -7.36
CA ARG C 103 -11.43 25.15 -7.66
C ARG C 103 -10.46 26.04 -8.51
N THR C 104 -9.16 25.74 -8.44
CA THR C 104 -8.13 26.50 -9.09
C THR C 104 -8.04 26.07 -10.59
N SER C 105 -7.66 27.03 -11.45
CA SER C 105 -7.26 26.78 -12.86
C SER C 105 -5.92 27.46 -13.15
N TRP C 106 -5.25 27.01 -14.24
CA TRP C 106 -3.90 27.43 -14.58
C TRP C 106 -3.75 27.70 -16.11
N LEU C 107 -2.93 28.70 -16.43
CA LEU C 107 -2.48 29.01 -17.81
C LEU C 107 -0.98 28.79 -17.86
N VAL C 108 -0.49 28.23 -18.99
CA VAL C 108 0.92 27.92 -19.21
C VAL C 108 1.29 28.52 -20.56
N ARG C 109 2.35 29.32 -20.62
CA ARG C 109 2.80 30.03 -21.82
C ARG C 109 4.30 29.83 -22.01
N VAL C 110 4.70 29.19 -23.13
CA VAL C 110 6.13 29.01 -23.42
C VAL C 110 6.65 30.34 -23.99
N VAL C 111 7.59 30.95 -23.25
CA VAL C 111 8.11 32.27 -23.62
C VAL C 111 9.22 32.26 -24.69
N SER C 112 10.26 31.48 -24.46
CA SER C 112 11.47 31.45 -25.32
C SER C 112 12.17 30.09 -25.17
N THR C 113 12.52 29.41 -26.30
CA THR C 113 13.24 28.16 -26.23
C THR C 113 14.06 27.96 -27.53
N ASN C 114 15.21 27.29 -27.40
CA ASN C 114 15.91 26.70 -28.60
C ASN C 114 15.78 25.16 -28.71
N TYR C 115 14.89 24.58 -27.93
CA TYR C 115 14.45 23.14 -27.98
C TYR C 115 15.46 22.05 -27.52
N ASN C 116 16.74 22.23 -27.85
CA ASN C 116 17.79 21.26 -27.48
C ASN C 116 18.73 21.66 -26.33
N GLN C 117 18.54 22.85 -25.76
N GLN C 117 18.51 22.84 -25.75
CA GLN C 117 19.37 23.29 -24.63
CA GLN C 117 19.35 23.35 -24.65
C GLN C 117 18.57 23.92 -23.48
C GLN C 117 18.54 23.90 -23.50
N HIS C 118 17.77 24.96 -23.78
CA HIS C 118 17.06 25.71 -22.72
C HIS C 118 15.62 26.16 -23.08
N ALA C 119 14.81 26.48 -22.04
CA ALA C 119 13.46 27.07 -22.26
C ALA C 119 13.07 27.94 -21.03
N MET C 120 12.29 28.99 -21.25
CA MET C 120 11.63 29.78 -20.16
C MET C 120 10.13 29.66 -20.38
N VAL C 121 9.40 29.28 -19.29
CA VAL C 121 7.97 29.00 -19.31
C VAL C 121 7.26 29.80 -18.16
N PHE C 122 6.18 30.48 -18.50
CA PHE C 122 5.36 31.30 -17.54
C PHE C 122 4.10 30.54 -17.14
N PHE C 123 3.74 30.65 -15.85
CA PHE C 123 2.60 29.95 -15.26
C PHE C 123 1.79 30.98 -14.43
N LYS C 124 0.45 30.97 -14.57
CA LYS C 124 -0.52 31.80 -13.84
C LYS C 124 -1.65 30.92 -13.25
N SER C 125 -1.93 31.08 -11.95
CA SER C 125 -3.05 30.39 -11.31
C SER C 125 -4.18 31.41 -11.04
N VAL C 126 -5.41 30.94 -11.07
CA VAL C 126 -6.60 31.70 -10.73
C VAL C 126 -7.49 30.88 -9.80
N THR C 127 -7.84 31.46 -8.64
CA THR C 127 -8.66 30.80 -7.61
C THR C 127 -9.66 31.85 -7.09
N GLN C 128 -10.93 31.73 -7.51
CA GLN C 128 -11.95 32.76 -7.34
C GLN C 128 -11.37 34.08 -7.87
N ASN C 129 -11.30 35.17 -7.11
CA ASN C 129 -10.73 36.42 -7.68
C ASN C 129 -9.19 36.59 -7.52
N ARG C 130 -8.47 35.59 -6.99
CA ARG C 130 -7.07 35.75 -6.57
C ARG C 130 -6.14 35.04 -7.57
N GLU C 131 -5.02 35.69 -7.88
CA GLU C 131 -4.12 35.27 -8.93
C GLU C 131 -2.71 35.08 -8.38
N GLY C 132 -1.97 34.08 -8.92
CA GLY C 132 -0.56 33.89 -8.58
C GLY C 132 0.23 33.58 -9.84
N PHE C 133 1.55 33.75 -9.80
CA PHE C 133 2.37 33.52 -11.01
C PHE C 133 3.80 33.11 -10.74
N ALA C 134 4.45 32.49 -11.74
CA ALA C 134 5.83 32.00 -11.62
C ALA C 134 6.48 31.87 -13.00
N ILE C 135 7.81 31.80 -13.04
CA ILE C 135 8.58 31.54 -14.27
C ILE C 135 9.59 30.42 -13.96
N THR C 136 9.72 29.46 -14.90
CA THR C 136 10.70 28.38 -14.77
C THR C 136 11.76 28.48 -15.87
N LEU C 137 13.02 28.27 -15.51
CA LEU C 137 14.11 28.00 -16.41
C LEU C 137 14.38 26.47 -16.48
N TYR C 138 14.20 25.92 -17.68
CA TYR C 138 14.42 24.49 -17.96
C TYR C 138 15.74 24.31 -18.76
N GLY C 139 16.49 23.25 -18.39
CA GLY C 139 17.59 22.75 -19.21
C GLY C 139 17.45 21.30 -19.70
N ARG C 140 18.01 20.97 -20.86
CA ARG C 140 18.13 19.59 -21.30
C ARG C 140 19.23 18.83 -20.48
N THR C 141 20.12 19.61 -19.84
CA THR C 141 21.15 19.16 -18.93
C THR C 141 20.85 19.83 -17.54
N LYS C 142 21.49 19.33 -16.49
CA LYS C 142 21.28 19.87 -15.09
C LYS C 142 21.96 21.21 -14.84
N GLU C 143 22.92 21.59 -15.69
CA GLU C 143 23.66 22.87 -15.56
C GLU C 143 23.46 23.71 -16.83
N LEU C 144 23.35 25.03 -16.66
CA LEU C 144 23.33 26.00 -17.79
C LEU C 144 24.38 27.11 -17.49
N THR C 145 24.67 27.92 -18.49
CA THR C 145 25.68 29.00 -18.43
C THR C 145 25.20 30.18 -17.54
N SER C 146 26.17 30.90 -16.96
CA SER C 146 25.88 32.18 -16.26
C SER C 146 25.13 33.18 -17.12
N GLU C 147 25.45 33.27 -18.40
CA GLU C 147 24.70 34.14 -19.33
C GLU C 147 23.22 33.81 -19.38
N LEU C 148 22.88 32.52 -19.55
CA LEU C 148 21.50 32.10 -19.59
C LEU C 148 20.76 32.35 -18.26
N LYS C 149 21.44 32.10 -17.15
CA LYS C 149 20.83 32.39 -15.83
C LYS C 149 20.58 33.89 -15.62
N GLU C 150 21.54 34.69 -16.04
CA GLU C 150 21.38 36.16 -15.89
C GLU C 150 20.21 36.67 -16.75
N ASN C 151 20.06 36.14 -17.98
CA ASN C 151 18.89 36.50 -18.79
C ASN C 151 17.53 36.12 -18.14
N PHE C 152 17.47 35.01 -17.42
CA PHE C 152 16.26 34.52 -16.72
C PHE C 152 15.96 35.44 -15.50
N ILE C 153 17.02 35.88 -14.83
CA ILE C 153 16.88 36.89 -13.74
C ILE C 153 16.35 38.20 -14.27
N ARG C 154 16.91 38.70 -15.39
CA ARG C 154 16.43 39.93 -16.00
C ARG C 154 14.90 39.88 -16.35
N PHE C 155 14.48 38.78 -17.02
CA PHE C 155 13.08 38.61 -17.41
C PHE C 155 12.16 38.51 -16.17
N SER C 156 12.60 37.78 -15.17
CA SER C 156 11.81 37.63 -13.92
C SER C 156 11.61 39.00 -13.24
N LYS C 157 12.68 39.79 -13.15
CA LYS C 157 12.57 41.20 -12.65
C LYS C 157 11.64 42.09 -13.48
N SER C 158 11.60 41.88 -14.82
CA SER C 158 10.72 42.67 -15.70
C SER C 158 9.24 42.44 -15.42
N LEU C 159 8.90 41.29 -14.82
CA LEU C 159 7.54 40.97 -14.43
C LEU C 159 7.19 41.33 -12.95
N GLY C 160 8.08 42.06 -12.27
CA GLY C 160 7.81 42.56 -10.88
C GLY C 160 8.43 41.74 -9.75
N LEU C 161 9.16 40.67 -10.06
CA LEU C 161 9.82 39.83 -9.02
C LEU C 161 11.21 40.38 -8.56
N PRO C 162 11.41 40.62 -7.24
CA PRO C 162 12.75 40.94 -6.78
C PRO C 162 13.74 39.83 -6.95
N GLU C 163 15.02 40.19 -7.13
CA GLU C 163 16.05 39.15 -7.32
C GLU C 163 16.08 38.09 -6.20
N ASN C 164 15.81 38.50 -4.93
CA ASN C 164 15.85 37.52 -3.83
C ASN C 164 14.75 36.46 -3.88
N HIS C 165 13.73 36.64 -4.73
CA HIS C 165 12.66 35.64 -4.94
C HIS C 165 13.00 34.59 -6.06
N ILE C 166 14.27 34.53 -6.49
CA ILE C 166 14.71 33.61 -7.57
C ILE C 166 15.71 32.62 -7.00
N VAL C 167 15.47 31.30 -7.19
CA VAL C 167 16.37 30.27 -6.67
C VAL C 167 16.82 29.26 -7.74
N PHE C 168 17.92 28.59 -7.45
CA PHE C 168 18.52 27.58 -8.39
C PHE C 168 18.72 26.24 -7.67
N PRO C 169 17.77 25.30 -7.88
CA PRO C 169 17.80 24.07 -7.08
C PRO C 169 19.04 23.20 -7.29
N VAL C 170 19.46 22.44 -6.28
CA VAL C 170 20.76 21.75 -6.31
C VAL C 170 20.69 20.45 -7.09
N PRO C 171 21.56 20.27 -8.14
CA PRO C 171 21.53 18.97 -8.88
C PRO C 171 21.77 17.71 -8.02
N ILE C 172 21.10 16.60 -8.33
CA ILE C 172 21.30 15.32 -7.64
C ILE C 172 21.39 14.24 -8.69
N ASP C 173 21.79 13.05 -8.28
CA ASP C 173 21.85 11.88 -9.16
C ASP C 173 20.74 10.84 -9.01
N GLN C 174 20.00 10.86 -7.93
CA GLN C 174 18.97 9.85 -7.67
C GLN C 174 17.73 10.17 -8.51
N CYS C 175 17.13 9.15 -9.14
CA CYS C 175 15.79 9.26 -9.77
C CYS C 175 15.68 10.05 -11.08
N ILE C 176 16.23 11.25 -11.13
CA ILE C 176 15.97 12.19 -12.21
C ILE C 176 16.70 11.87 -13.54
N ASP C 177 17.70 11.00 -13.49
CA ASP C 177 18.43 10.55 -14.72
C ASP C 177 17.92 9.22 -15.31
N GLY C 178 16.69 8.83 -14.97
CA GLY C 178 16.07 7.60 -15.53
C GLY C 178 16.65 6.27 -15.07
N SER C 179 16.35 5.22 -15.84
CA SER C 179 16.59 3.82 -15.45
C SER C 179 17.94 3.29 -15.94
N GLY D 11 -18.85 28.28 38.94
CA GLY D 11 -18.14 29.47 39.50
C GLY D 11 -16.87 29.74 38.70
N ALA D 12 -16.59 31.01 38.41
CA ALA D 12 -15.37 31.36 37.70
C ALA D 12 -14.15 31.14 38.59
N GLU D 13 -13.02 30.89 37.94
CA GLU D 13 -11.72 30.74 38.60
C GLU D 13 -10.70 31.74 38.06
N LEU D 14 -9.72 32.07 38.89
CA LEU D 14 -8.61 32.90 38.42
C LEU D 14 -7.85 32.26 37.26
N PRO D 15 -7.19 33.08 36.41
CA PRO D 15 -6.40 32.55 35.33
C PRO D 15 -5.20 31.76 35.87
N ALA D 16 -4.79 30.74 35.13
CA ALA D 16 -3.60 29.94 35.52
C ALA D 16 -2.39 30.81 35.69
N GLN D 17 -1.50 30.57 36.67
CA GLN D 17 -0.21 31.32 36.67
C GLN D 17 0.70 30.98 35.51
N LYS D 18 0.73 29.69 35.15
CA LYS D 18 1.62 29.23 34.12
C LYS D 18 0.79 28.88 32.84
N TRP D 19 0.61 29.90 32.00
CA TRP D 19 -0.16 29.74 30.72
C TRP D 19 0.25 28.60 29.81
N TRP D 20 1.54 28.24 29.80
CA TRP D 20 2.02 27.20 28.86
C TRP D 20 1.53 25.80 29.33
N HIS D 21 1.05 25.68 30.57
CA HIS D 21 0.37 24.40 31.00
C HIS D 21 -0.99 24.18 30.35
N THR D 22 -1.59 25.22 29.74
CA THR D 22 -3.02 25.19 29.33
C THR D 22 -3.32 24.67 27.93
N GLY D 23 -2.28 24.38 27.16
CA GLY D 23 -2.42 23.76 25.82
C GLY D 23 -1.16 23.68 25.03
N ALA D 24 -1.29 23.47 23.70
CA ALA D 24 -0.15 23.27 22.86
C ALA D 24 0.64 24.55 22.42
N LEU D 25 1.95 24.39 22.13
CA LEU D 25 2.78 25.45 21.53
C LEU D 25 2.99 25.12 20.06
N TYR D 26 3.14 26.16 19.23
CA TYR D 26 3.13 26.04 17.74
C TYR D 26 4.30 26.84 17.20
N ARG D 27 5.29 26.16 16.60
CA ARG D 27 6.56 26.77 16.18
C ARG D 27 6.49 27.24 14.72
N ILE D 28 6.86 28.50 14.48
CA ILE D 28 6.94 29.10 13.13
C ILE D 28 8.37 29.53 12.90
N GLY D 29 9.19 28.60 12.39
CA GLY D 29 10.63 28.89 12.28
C GLY D 29 10.94 29.74 11.06
N ASP D 30 10.25 29.48 9.97
CA ASP D 30 10.41 30.20 8.72
C ASP D 30 9.11 30.96 8.39
N LEU D 31 9.11 32.26 8.73
CA LEU D 31 7.96 33.12 8.46
C LEU D 31 7.49 33.22 6.99
N GLN D 32 8.42 33.22 6.05
CA GLN D 32 8.12 33.37 4.63
C GLN D 32 7.49 32.08 4.03
N ALA D 33 8.04 30.95 4.41
CA ALA D 33 7.50 29.62 3.95
C ALA D 33 6.14 29.30 4.59
N PHE D 34 5.93 29.75 5.85
CA PHE D 34 4.64 29.63 6.50
C PHE D 34 3.57 30.44 5.79
N GLN D 35 3.88 31.69 5.46
CA GLN D 35 2.97 32.54 4.71
C GLN D 35 2.68 32.09 3.29
N GLY D 36 3.70 31.60 2.59
CA GLY D 36 3.54 31.20 1.20
C GLY D 36 3.31 32.43 0.30
N HIS D 37 2.22 32.46 -0.46
CA HIS D 37 1.87 33.65 -1.29
C HIS D 37 1.80 34.95 -0.52
N GLY D 38 1.33 34.88 0.74
CA GLY D 38 1.18 36.04 1.60
C GLY D 38 2.44 36.88 1.74
N ALA D 39 2.26 38.08 2.31
CA ALA D 39 3.36 38.91 2.79
C ALA D 39 4.18 38.09 3.80
N GLY D 40 5.49 38.00 3.55
CA GLY D 40 6.37 37.25 4.42
C GLY D 40 6.86 38.13 5.51
N ASN D 41 5.93 38.72 6.29
CA ASN D 41 6.28 39.74 7.23
C ASN D 41 5.35 39.72 8.44
N LEU D 42 5.69 40.51 9.42
CA LEU D 42 4.97 40.49 10.68
C LEU D 42 3.52 40.94 10.54
N ALA D 43 3.25 41.87 9.63
CA ALA D 43 1.86 42.28 9.33
C ALA D 43 1.09 41.10 8.74
N GLY D 44 1.72 40.40 7.81
CA GLY D 44 1.13 39.26 7.20
C GLY D 44 0.79 38.12 8.15
N LEU D 45 1.71 37.78 9.08
CA LEU D 45 1.46 36.79 10.12
C LEU D 45 0.24 37.15 10.97
N LYS D 46 0.09 38.45 11.28
CA LYS D 46 -1.08 38.94 12.02
C LYS D 46 -2.41 38.52 11.34
N GLY D 47 -2.43 38.45 10.00
CA GLY D 47 -3.58 38.00 9.21
C GLY D 47 -3.92 36.49 9.32
N ARG D 48 -3.06 35.68 9.95
CA ARG D 48 -3.32 34.25 10.15
C ARG D 48 -3.70 33.91 11.60
N LEU D 49 -3.84 34.95 12.44
CA LEU D 49 -4.12 34.70 13.84
C LEU D 49 -5.51 34.06 14.07
N ASP D 50 -6.51 34.41 13.25
CA ASP D 50 -7.81 33.71 13.31
C ASP D 50 -7.71 32.18 13.06
N TYR D 51 -6.94 31.78 12.03
CA TYR D 51 -6.63 30.35 11.79
C TYR D 51 -5.96 29.69 13.01
N LEU D 52 -4.95 30.35 13.60
CA LEU D 52 -4.23 29.84 14.77
C LEU D 52 -5.16 29.70 15.99
N SER D 53 -6.10 30.63 16.14
CA SER D 53 -7.12 30.51 17.14
C SER D 53 -8.06 29.26 16.90
N SER D 54 -8.37 28.95 15.65
CA SER D 54 -9.12 27.70 15.33
C SER D 54 -8.40 26.40 15.79
N LEU D 55 -7.09 26.44 15.94
CA LEU D 55 -6.36 25.26 16.41
C LEU D 55 -6.29 25.13 17.93
N LYS D 56 -6.76 26.17 18.65
CA LYS D 56 -6.70 26.27 20.11
C LYS D 56 -5.29 26.23 20.71
N VAL D 57 -4.31 26.67 19.94
CA VAL D 57 -2.91 26.66 20.43
C VAL D 57 -2.77 27.88 21.37
N LYS D 58 -1.96 27.72 22.38
CA LYS D 58 -1.84 28.72 23.50
C LYS D 58 -0.62 29.65 23.38
N GLY D 59 0.34 29.28 22.54
CA GLY D 59 1.53 30.09 22.29
C GLY D 59 2.11 29.82 20.91
N LEU D 60 2.66 30.88 20.31
N LEU D 60 2.66 30.85 20.28
CA LEU D 60 3.40 30.83 19.03
CA LEU D 60 3.37 30.70 18.99
C LEU D 60 4.88 30.95 19.38
C LEU D 60 4.85 31.07 19.22
N VAL D 61 5.72 30.22 18.69
CA VAL D 61 7.20 30.34 18.84
C VAL D 61 7.77 30.88 17.55
N LEU D 62 8.15 32.16 17.57
CA LEU D 62 8.48 32.90 16.35
C LEU D 62 9.95 33.18 16.10
N GLY D 63 10.40 32.84 14.89
CA GLY D 63 11.63 33.39 14.36
C GLY D 63 12.79 32.41 14.44
N PRO D 64 14.02 32.91 14.57
CA PRO D 64 14.39 34.34 14.80
C PRO D 64 14.07 35.35 13.69
N ILE D 65 14.01 36.62 14.09
CA ILE D 65 13.71 37.75 13.19
C ILE D 65 14.70 38.91 13.25
N HIS D 66 15.79 38.76 14.01
CA HIS D 66 16.72 39.88 14.28
C HIS D 66 17.77 40.08 13.16
N LYS D 67 18.52 41.19 13.20
CA LYS D 67 19.64 41.43 12.25
C LYS D 67 20.83 40.48 12.50
N ASN D 68 21.04 39.51 11.58
CA ASN D 68 22.19 38.58 11.60
C ASN D 68 22.95 38.64 10.25
N GLN D 69 24.06 39.41 10.21
CA GLN D 69 25.01 39.37 9.09
C GLN D 69 25.71 38.02 9.24
N LYS D 70 25.38 37.06 8.36
CA LYS D 70 25.90 35.71 8.45
C LYS D 70 27.40 35.61 8.83
N ASP D 71 27.64 34.91 9.95
CA ASP D 71 28.98 34.58 10.48
C ASP D 71 29.78 35.78 10.99
N ASP D 72 29.12 36.93 11.19
CA ASP D 72 29.77 38.19 11.60
C ASP D 72 29.20 38.64 13.00
N VAL D 73 29.95 38.40 14.06
CA VAL D 73 29.51 38.72 15.43
C VAL D 73 29.20 40.23 15.63
N ALA D 74 30.13 41.08 15.23
CA ALA D 74 30.03 42.54 15.40
C ALA D 74 28.81 43.12 14.68
N GLN D 75 28.49 42.62 13.48
CA GLN D 75 27.32 43.09 12.72
C GLN D 75 26.03 42.24 12.97
N THR D 76 25.89 41.51 14.09
CA THR D 76 24.63 40.83 14.45
C THR D 76 24.04 41.52 15.69
N ASP D 77 22.77 41.94 15.62
CA ASP D 77 22.17 42.71 16.75
C ASP D 77 20.80 42.15 17.04
N LEU D 78 20.73 41.53 18.22
CA LEU D 78 19.53 40.86 18.68
C LEU D 78 18.42 41.85 19.11
N LEU D 79 18.74 43.14 19.20
CA LEU D 79 17.77 44.21 19.57
C LEU D 79 17.11 44.93 18.38
N GLN D 80 17.49 44.55 17.13
CA GLN D 80 16.90 45.13 15.93
C GLN D 80 16.27 44.07 15.07
N ILE D 81 15.10 44.38 14.49
CA ILE D 81 14.40 43.46 13.59
C ILE D 81 14.95 43.64 12.17
N ASP D 82 15.21 42.52 11.49
CA ASP D 82 15.63 42.54 10.09
C ASP D 82 14.48 43.20 9.27
N PRO D 83 14.75 44.33 8.58
CA PRO D 83 13.66 45.01 7.84
C PRO D 83 12.93 44.17 6.77
N ASN D 84 13.54 43.09 6.27
CA ASN D 84 12.82 42.16 5.38
C ASN D 84 11.59 41.54 6.05
N PHE D 85 11.56 41.48 7.39
CA PHE D 85 10.34 41.01 8.14
C PHE D 85 9.39 42.14 8.68
N GLY D 86 9.77 43.41 8.52
CA GLY D 86 8.96 44.55 8.94
C GLY D 86 9.65 45.38 10.00
N SER D 87 8.86 46.17 10.72
CA SER D 87 9.36 47.12 11.74
C SER D 87 8.99 46.76 13.19
N LYS D 88 9.71 47.40 14.12
CA LYS D 88 9.37 47.35 15.55
C LYS D 88 7.91 47.73 15.81
N GLU D 89 7.39 48.74 15.09
CA GLU D 89 5.97 49.11 15.13
C GLU D 89 5.03 47.94 14.70
N ASP D 90 5.41 47.24 13.62
CA ASP D 90 4.70 46.04 13.17
C ASP D 90 4.69 44.94 14.21
N PHE D 91 5.82 44.73 14.91
CA PHE D 91 5.94 43.70 15.97
C PHE D 91 4.97 43.99 17.12
N ASP D 92 4.97 45.23 17.57
CA ASP D 92 4.16 45.68 18.71
C ASP D 92 2.67 45.47 18.38
N SER D 93 2.29 45.72 17.12
CA SER D 93 0.91 45.50 16.62
C SER D 93 0.51 44.04 16.65
N LEU D 94 1.42 43.19 16.19
CA LEU D 94 1.22 41.73 16.27
C LEU D 94 0.94 41.28 17.69
N LEU D 95 1.81 41.72 18.60
CA LEU D 95 1.68 41.45 20.04
C LEU D 95 0.32 41.88 20.58
N GLN D 96 -0.11 43.09 20.26
CA GLN D 96 -1.43 43.59 20.72
C GLN D 96 -2.56 42.66 20.27
N SER D 97 -2.55 42.28 18.99
N SER D 97 -2.54 42.29 19.00
CA SER D 97 -3.61 41.44 18.42
CA SER D 97 -3.57 41.46 18.40
C SER D 97 -3.59 40.03 19.00
C SER D 97 -3.58 40.04 19.00
N ALA D 98 -2.41 39.46 19.20
CA ALA D 98 -2.30 38.09 19.77
C ALA D 98 -2.79 38.10 21.24
N LYS D 99 -2.41 39.10 22.02
CA LYS D 99 -2.93 39.26 23.41
C LYS D 99 -4.48 39.32 23.46
N LYS D 100 -5.05 40.14 22.60
CA LYS D 100 -6.51 40.26 22.50
C LYS D 100 -7.17 38.89 22.17
N LYS D 101 -6.45 37.99 21.46
CA LYS D 101 -6.98 36.67 21.16
C LYS D 101 -6.52 35.57 22.12
N SER D 102 -5.94 35.94 23.27
CA SER D 102 -5.44 34.94 24.23
C SER D 102 -4.38 33.95 23.70
N ILE D 103 -3.51 34.42 22.78
CA ILE D 103 -2.38 33.63 22.24
C ILE D 103 -1.08 34.32 22.66
N ARG D 104 -0.20 33.59 23.34
CA ARG D 104 1.10 34.13 23.83
C ARG D 104 2.18 34.08 22.72
N VAL D 105 3.21 34.94 22.80
CA VAL D 105 4.29 35.01 21.80
C VAL D 105 5.66 34.75 22.47
N ILE D 106 6.35 33.73 21.98
CA ILE D 106 7.69 33.36 22.40
C ILE D 106 8.63 33.75 21.26
N LEU D 107 9.69 34.49 21.57
CA LEU D 107 10.70 34.87 20.56
C LEU D 107 11.96 33.98 20.58
N ASP D 108 12.33 33.38 19.44
CA ASP D 108 13.57 32.63 19.32
C ASP D 108 14.74 33.60 19.10
N LEU D 109 15.77 33.48 19.96
CA LEU D 109 16.94 34.40 19.95
C LEU D 109 18.21 33.72 19.48
N THR D 110 18.10 32.51 18.87
CA THR D 110 19.31 31.76 18.44
C THR D 110 20.16 32.71 17.51
N PRO D 111 21.41 33.00 17.87
CA PRO D 111 21.94 34.27 17.29
C PRO D 111 22.43 34.32 15.84
N ASN D 112 23.16 33.28 15.40
CA ASN D 112 23.70 33.16 14.03
C ASN D 112 22.81 32.18 13.21
N TYR D 113 21.51 32.47 13.17
CA TYR D 113 20.51 31.58 12.55
C TYR D 113 20.66 31.48 11.05
N ARG D 114 21.32 32.46 10.42
CA ARG D 114 21.64 32.35 8.96
C ARG D 114 22.93 31.56 8.61
N GLY D 115 23.76 31.22 9.60
CA GLY D 115 25.03 30.54 9.37
C GLY D 115 24.96 29.07 9.70
N GLU D 116 26.05 28.35 9.43
CA GLU D 116 26.14 26.89 9.69
C GLU D 116 26.25 26.54 11.17
N ASN D 117 26.98 27.32 11.97
CA ASN D 117 27.01 27.14 13.44
C ASN D 117 26.20 28.27 14.04
N SER D 118 25.06 27.88 14.60
CA SER D 118 24.08 28.75 15.25
C SER D 118 24.60 29.65 16.31
N TRP D 119 25.70 29.23 16.96
CA TRP D 119 26.27 29.98 18.08
C TRP D 119 27.58 30.74 17.76
N PHE D 120 27.97 30.76 16.47
CA PHE D 120 29.23 31.27 15.95
C PHE D 120 30.36 30.35 16.42
N SER D 121 31.55 30.52 15.87
CA SER D 121 32.74 29.72 16.24
C SER D 121 33.75 30.40 17.13
N THR D 122 33.50 31.66 17.51
CA THR D 122 34.45 32.44 18.30
C THR D 122 33.66 33.37 19.23
N GLN D 123 34.36 34.00 20.19
CA GLN D 123 33.82 35.08 21.03
C GLN D 123 32.58 34.68 21.82
N VAL D 124 32.61 33.49 22.42
CA VAL D 124 31.39 32.96 23.05
C VAL D 124 30.86 33.90 24.18
N ASP D 125 31.75 34.55 24.94
CA ASP D 125 31.29 35.46 26.03
C ASP D 125 30.55 36.70 25.48
N THR D 126 31.09 37.29 24.40
CA THR D 126 30.39 38.36 23.67
C THR D 126 29.05 37.92 23.13
N VAL D 127 28.98 36.72 22.55
CA VAL D 127 27.73 36.19 22.02
C VAL D 127 26.70 35.90 23.13
N ALA D 128 27.14 35.21 24.19
CA ALA D 128 26.28 34.94 25.35
C ALA D 128 25.67 36.23 25.94
N THR D 129 26.46 37.31 26.02
CA THR D 129 25.98 38.57 26.52
C THR D 129 24.95 39.23 25.59
N LYS D 130 25.06 39.05 24.26
CA LYS D 130 23.99 39.58 23.38
C LYS D 130 22.62 38.94 23.74
N VAL D 131 22.60 37.63 23.99
CA VAL D 131 21.38 36.93 24.39
C VAL D 131 20.88 37.49 25.77
N LYS D 132 21.76 37.61 26.74
CA LYS D 132 21.39 38.13 28.07
C LYS D 132 20.76 39.53 28.02
N ASP D 133 21.37 40.45 27.22
CA ASP D 133 20.83 41.79 27.05
C ASP D 133 19.47 41.81 26.33
N ALA D 134 19.35 40.96 25.32
CA ALA D 134 18.06 40.76 24.60
C ALA D 134 16.88 40.27 25.47
N LEU D 135 17.15 39.45 26.48
CA LEU D 135 16.09 39.00 27.41
C LEU D 135 15.48 40.21 28.10
N GLU D 136 16.30 41.12 28.64
CA GLU D 136 15.77 42.27 29.32
C GLU D 136 14.99 43.25 28.37
N PHE D 137 15.59 43.57 27.23
CA PHE D 137 14.96 44.40 26.19
C PHE D 137 13.55 43.91 25.74
N TRP D 138 13.47 42.63 25.36
CA TRP D 138 12.22 42.06 24.80
C TRP D 138 11.13 41.82 25.88
N LEU D 139 11.55 41.47 27.10
CA LEU D 139 10.62 41.40 28.24
C LEU D 139 10.00 42.78 28.53
N GLN D 140 10.80 43.85 28.49
CA GLN D 140 10.23 45.23 28.58
C GLN D 140 9.28 45.57 27.41
N ALA D 141 9.50 45.01 26.23
CA ALA D 141 8.58 45.17 25.09
C ALA D 141 7.26 44.36 25.15
N GLY D 142 7.18 43.41 26.07
CA GLY D 142 5.95 42.63 26.31
C GLY D 142 5.90 41.21 25.79
N VAL D 143 7.03 40.63 25.40
CA VAL D 143 7.04 39.19 24.99
C VAL D 143 6.86 38.28 26.23
N ASP D 144 6.24 37.12 26.01
CA ASP D 144 5.89 36.18 27.07
C ASP D 144 6.99 35.16 27.39
N GLY D 145 8.00 35.12 26.52
CA GLY D 145 9.23 34.38 26.78
C GLY D 145 10.03 34.11 25.49
N PHE D 146 10.97 33.15 25.58
CA PHE D 146 12.06 32.92 24.63
C PHE D 146 12.35 31.43 24.35
N GLN D 147 12.92 31.21 23.17
CA GLN D 147 13.51 29.91 22.80
C GLN D 147 14.96 30.14 22.30
N VAL D 148 15.85 29.25 22.73
CA VAL D 148 17.21 29.10 22.18
C VAL D 148 17.39 27.63 21.70
N ARG D 149 17.82 27.43 20.47
CA ARG D 149 18.02 26.09 19.89
C ARG D 149 19.50 25.70 19.64
N ASP D 150 19.73 24.46 19.24
CA ASP D 150 21.06 23.91 18.87
C ASP D 150 22.08 24.03 19.98
N ILE D 151 21.62 23.84 21.25
CA ILE D 151 22.48 24.13 22.38
C ILE D 151 23.62 23.11 22.55
N GLU D 152 23.54 21.97 21.87
CA GLU D 152 24.76 21.12 21.71
C GLU D 152 26.03 21.88 21.21
N ASN D 153 25.88 22.98 20.47
CA ASN D 153 27.01 23.81 19.96
C ASN D 153 27.33 25.06 20.81
N LEU D 154 26.64 25.23 21.94
CA LEU D 154 26.91 26.35 22.87
C LEU D 154 27.86 25.83 23.95
N LYS D 155 29.06 26.38 24.04
CA LYS D 155 30.02 25.99 25.06
C LYS D 155 29.46 26.33 26.45
N ASP D 156 29.69 25.45 27.42
CA ASP D 156 29.19 25.61 28.82
C ASP D 156 27.65 25.86 28.89
N ALA D 157 26.88 25.19 28.01
CA ALA D 157 25.41 25.35 27.92
C ALA D 157 24.67 25.29 29.27
N SER D 158 25.06 24.35 30.13
CA SER D 158 24.32 24.15 31.36
C SER D 158 24.39 25.37 32.28
N SER D 159 25.54 26.06 32.27
CA SER D 159 25.74 27.28 33.03
C SER D 159 24.99 28.48 32.48
N PHE D 160 25.12 28.73 31.16
CA PHE D 160 24.42 29.86 30.49
C PHE D 160 22.89 29.68 30.59
N LEU D 161 22.38 28.45 30.38
CA LEU D 161 20.93 28.21 30.50
C LEU D 161 20.41 28.49 31.92
N ALA D 162 21.18 28.17 32.94
CA ALA D 162 20.79 28.49 34.32
C ALA D 162 20.71 30.04 34.56
N GLU D 163 21.70 30.77 34.07
CA GLU D 163 21.69 32.24 34.16
C GLU D 163 20.48 32.83 33.43
N TRP D 164 20.21 32.36 32.21
CA TRP D 164 19.09 32.94 31.40
C TRP D 164 17.68 32.60 32.02
N GLN D 165 17.53 31.37 32.55
CA GLN D 165 16.34 30.96 33.33
C GLN D 165 16.12 31.86 34.51
N ASN D 166 17.21 32.14 35.26
CA ASN D 166 17.10 32.99 36.45
C ASN D 166 16.69 34.45 36.14
N ILE D 167 17.18 34.97 35.02
CA ILE D 167 16.78 36.29 34.52
C ILE D 167 15.28 36.29 34.09
N THR D 168 14.89 35.27 33.33
CA THR D 168 13.54 35.15 32.80
C THR D 168 12.52 35.02 33.98
N LYS D 169 12.76 34.08 34.90
CA LYS D 169 11.86 33.83 36.06
C LYS D 169 11.91 34.96 37.06
N GLY D 170 13.06 35.62 37.14
CA GLY D 170 13.22 36.83 37.95
C GLY D 170 12.30 38.00 37.58
N PHE D 171 12.01 38.16 36.29
CA PHE D 171 11.02 39.14 35.78
C PHE D 171 9.62 38.69 36.31
N SER D 172 9.19 37.47 36.01
CA SER D 172 8.03 36.78 36.64
C SER D 172 8.06 35.30 36.45
N GLU D 173 7.55 34.54 37.44
CA GLU D 173 7.35 33.10 37.21
C GLU D 173 6.35 32.81 36.07
N ASP D 174 5.60 33.81 35.58
CA ASP D 174 4.76 33.57 34.38
C ASP D 174 5.43 33.78 32.98
N ARG D 175 6.75 33.98 32.94
CA ARG D 175 7.52 34.03 31.71
C ARG D 175 8.27 32.72 31.51
N LEU D 176 8.42 32.31 30.25
CA LEU D 176 8.93 30.95 29.86
C LEU D 176 10.23 31.01 29.07
N LEU D 177 11.21 30.15 29.43
CA LEU D 177 12.38 29.87 28.60
C LEU D 177 12.31 28.41 28.13
N ILE D 178 12.45 28.22 26.78
CA ILE D 178 12.51 26.93 26.10
C ILE D 178 13.93 26.72 25.53
N ALA D 179 14.60 25.62 25.89
CA ALA D 179 15.88 25.26 25.28
C ALA D 179 15.67 24.09 24.30
N GLY D 180 16.37 24.10 23.18
CA GLY D 180 16.30 22.98 22.22
C GLY D 180 17.66 22.35 21.93
N THR D 181 17.70 21.02 21.81
CA THR D 181 18.91 20.29 21.49
C THR D 181 18.62 19.17 20.47
N ASN D 182 19.65 18.80 19.71
CA ASN D 182 19.59 17.61 18.85
C ASN D 182 19.88 16.25 19.52
N SER D 183 20.25 16.25 20.81
CA SER D 183 20.54 15.03 21.53
C SER D 183 19.29 14.14 21.73
N SER D 184 19.53 12.84 21.68
CA SER D 184 18.52 11.85 22.07
C SER D 184 18.94 11.08 23.37
N ASP D 185 20.06 11.46 23.97
CA ASP D 185 20.66 10.65 25.06
C ASP D 185 20.11 11.09 26.44
N LEU D 186 19.51 10.16 27.18
CA LEU D 186 18.95 10.45 28.53
C LEU D 186 19.98 11.09 29.50
N GLN D 187 21.21 10.56 29.51
CA GLN D 187 22.25 11.09 30.40
C GLN D 187 22.69 12.52 30.09
N GLN D 188 22.94 12.83 28.82
CA GLN D 188 23.15 14.23 28.41
C GLN D 188 21.99 15.14 28.82
N ILE D 189 20.75 14.68 28.62
CA ILE D 189 19.55 15.47 28.96
C ILE D 189 19.44 15.72 30.49
N LEU D 190 19.61 14.66 31.29
CA LEU D 190 19.56 14.78 32.76
C LEU D 190 20.70 15.69 33.31
N SER D 191 21.88 15.67 32.67
CA SER D 191 22.97 16.50 33.16
C SER D 191 22.75 17.99 32.80
N LEU D 192 22.01 18.31 31.73
CA LEU D 192 21.61 19.69 31.47
C LEU D 192 20.65 20.19 32.53
N LEU D 193 19.76 19.30 32.97
CA LEU D 193 18.68 19.66 33.88
C LEU D 193 19.03 19.59 35.39
N GLU D 194 20.18 18.99 35.73
CA GLU D 194 20.46 18.57 37.11
C GLU D 194 20.40 19.72 38.14
N SER D 195 21.00 20.85 37.77
CA SER D 195 20.96 22.05 38.59
C SER D 195 20.08 23.17 37.97
N ASN D 196 19.17 22.78 37.07
CA ASN D 196 18.23 23.69 36.42
C ASN D 196 16.87 22.95 36.14
N LYS D 197 16.25 22.41 37.19
CA LYS D 197 15.20 21.38 37.04
C LYS D 197 13.85 21.85 36.45
N ASP D 198 13.59 23.16 36.43
CA ASP D 198 12.34 23.72 35.92
C ASP D 198 12.44 24.25 34.44
N LEU D 199 13.59 24.07 33.81
CA LEU D 199 13.75 24.49 32.40
C LEU D 199 12.85 23.59 31.50
N LEU D 200 12.19 24.18 30.51
CA LEU D 200 11.45 23.41 29.52
C LEU D 200 12.46 23.05 28.40
N LEU D 201 12.58 21.78 28.03
CA LEU D 201 13.57 21.36 27.04
C LEU D 201 12.93 20.49 25.96
N THR D 202 13.19 20.86 24.71
CA THR D 202 12.82 19.99 23.55
C THR D 202 14.08 19.27 23.01
N SER D 203 13.89 18.04 22.49
CA SER D 203 15.01 17.18 22.17
C SER D 203 14.53 16.07 21.16
N SER D 204 15.49 15.25 20.73
CA SER D 204 15.17 14.01 19.90
C SER D 204 15.05 12.71 20.76
N TYR D 205 14.80 12.84 22.08
CA TYR D 205 14.63 11.69 23.00
C TYR D 205 13.65 10.64 22.46
N LEU D 206 12.49 11.08 21.94
CA LEU D 206 11.55 10.14 21.28
C LEU D 206 11.78 9.80 19.79
N SER D 207 12.68 10.46 19.05
CA SER D 207 12.79 10.20 17.61
C SER D 207 13.88 9.21 17.22
N ASP D 208 14.99 9.18 17.94
CA ASP D 208 16.18 8.32 17.64
C ASP D 208 15.97 6.92 16.92
N SER D 209 15.08 6.05 17.43
CA SER D 209 14.98 4.62 16.98
C SER D 209 13.59 4.12 16.47
N GLY D 210 13.58 2.86 16.00
CA GLY D 210 12.37 2.15 15.53
C GLY D 210 11.29 1.96 16.59
N SER D 211 10.08 2.42 16.28
CA SER D 211 9.11 2.89 17.30
C SER D 211 8.12 1.87 17.90
N THR D 212 8.61 0.94 18.72
CA THR D 212 7.72 -0.06 19.34
C THR D 212 6.89 0.55 20.49
N GLY D 213 5.76 -0.10 20.81
CA GLY D 213 4.88 0.28 21.92
C GLY D 213 5.57 0.06 23.26
N GLU D 214 6.23 -1.10 23.39
CA GLU D 214 7.07 -1.41 24.57
C GLU D 214 8.26 -0.44 24.74
N HIS D 215 8.90 0.00 23.64
CA HIS D 215 10.02 0.95 23.71
C HIS D 215 9.56 2.41 23.96
N THR D 216 8.57 2.90 23.20
CA THR D 216 7.91 4.20 23.54
C THR D 216 7.41 4.18 24.99
N LYS D 217 6.65 3.16 25.41
CA LYS D 217 6.20 3.08 26.81
C LYS D 217 7.35 3.15 27.81
N SER D 218 8.39 2.40 27.53
CA SER D 218 9.60 2.41 28.35
C SER D 218 10.31 3.77 28.33
N LEU D 219 10.48 4.38 27.18
CA LEU D 219 11.09 5.75 27.14
C LEU D 219 10.31 6.76 27.97
N VAL D 220 8.98 6.82 27.75
CA VAL D 220 8.12 7.72 28.51
C VAL D 220 8.19 7.48 30.03
N THR D 221 7.96 6.22 30.47
CA THR D 221 7.91 5.90 31.90
C THR D 221 9.25 6.09 32.59
N GLN D 222 10.36 5.73 31.92
CA GLN D 222 11.70 5.96 32.47
C GLN D 222 12.06 7.45 32.62
N TYR D 223 11.63 8.31 31.68
CA TYR D 223 11.94 9.75 31.76
C TYR D 223 11.25 10.39 33.01
N LEU D 224 9.95 10.13 33.15
CA LEU D 224 9.18 10.58 34.35
C LEU D 224 9.73 10.09 35.70
N ASN D 225 10.11 8.81 35.76
CA ASN D 225 10.76 8.25 36.96
C ASN D 225 12.05 8.95 37.30
N ALA D 226 12.91 9.16 36.30
CA ALA D 226 14.19 9.84 36.51
C ALA D 226 14.12 11.33 36.88
N THR D 227 13.00 11.99 36.58
CA THR D 227 12.81 13.40 36.86
C THR D 227 11.73 13.67 37.94
N GLY D 228 11.36 12.67 38.74
CA GLY D 228 10.40 12.82 39.86
C GLY D 228 9.05 13.41 39.43
N ASN D 229 8.61 13.05 38.23
CA ASN D 229 7.33 13.48 37.67
C ASN D 229 7.20 15.00 37.57
N ARG D 230 8.32 15.71 37.42
CA ARG D 230 8.25 17.17 37.17
C ARG D 230 7.61 17.52 35.83
N TRP D 231 7.12 18.76 35.70
CA TRP D 231 6.60 19.27 34.40
C TRP D 231 7.68 19.18 33.31
N CYS D 232 7.25 18.78 32.12
CA CYS D 232 8.15 18.68 30.93
C CYS D 232 7.42 18.88 29.60
N SER D 233 8.17 19.00 28.49
CA SER D 233 7.59 19.11 27.16
C SER D 233 7.38 17.70 26.60
N TRP D 234 6.50 17.57 25.62
CA TRP D 234 6.43 16.31 24.76
C TRP D 234 6.49 16.74 23.31
N SER D 235 7.46 16.19 22.55
CA SER D 235 7.70 16.56 21.14
C SER D 235 8.50 15.45 20.47
N LEU D 236 8.56 15.46 19.11
CA LEU D 236 9.51 14.55 18.44
C LEU D 236 10.89 15.16 18.11
N SER D 237 11.07 16.48 18.31
CA SER D 237 12.26 17.19 17.88
C SER D 237 12.20 18.61 18.52
N GLN D 238 13.35 19.26 18.53
CA GLN D 238 13.42 20.75 18.76
C GLN D 238 12.83 21.64 17.64
N ALA D 239 12.64 21.08 16.42
CA ALA D 239 12.23 21.92 15.24
C ALA D 239 11.56 21.13 14.10
N ARG D 240 12.02 19.93 13.81
CA ARG D 240 11.52 19.18 12.61
C ARG D 240 10.06 18.61 12.72
N LEU D 241 9.40 18.51 11.57
CA LEU D 241 8.03 17.96 11.41
C LEU D 241 7.93 16.49 11.83
N LEU D 242 6.75 16.05 12.28
CA LEU D 242 6.48 14.66 12.67
C LEU D 242 6.82 13.71 11.48
N THR D 243 6.51 14.19 10.25
CA THR D 243 6.77 13.37 9.02
C THR D 243 8.21 13.13 8.69
N SER D 244 9.12 13.88 9.30
CA SER D 244 10.51 13.62 9.18
C SER D 244 10.95 12.27 9.81
N PHE D 245 10.18 11.76 10.78
CA PHE D 245 10.49 10.56 11.57
C PHE D 245 9.46 9.44 11.44
N LEU D 246 8.21 9.74 11.12
CA LEU D 246 7.14 8.77 11.18
C LEU D 246 6.57 8.55 9.81
N PRO D 247 6.22 7.29 9.52
CA PRO D 247 5.40 7.08 8.33
C PRO D 247 3.98 7.56 8.54
N ALA D 248 3.29 7.72 7.41
CA ALA D 248 1.93 8.30 7.40
C ALA D 248 0.95 7.54 8.34
N GLN D 249 1.10 6.22 8.37
CA GLN D 249 0.19 5.36 9.13
C GLN D 249 0.23 5.52 10.67
N LEU D 250 1.24 6.24 11.17
CA LEU D 250 1.44 6.46 12.62
C LEU D 250 1.17 7.90 13.07
N LEU D 251 0.94 8.83 12.12
CA LEU D 251 0.73 10.24 12.51
C LEU D 251 -0.46 10.44 13.48
N ARG D 252 -1.59 9.79 13.19
CA ARG D 252 -2.82 9.98 13.99
C ARG D 252 -2.66 9.48 15.47
N LEU D 253 -2.07 8.28 15.63
CA LEU D 253 -1.69 7.71 16.94
C LEU D 253 -0.73 8.60 17.75
N TYR D 254 0.30 9.12 17.09
CA TYR D 254 1.27 10.00 17.78
C TYR D 254 0.64 11.32 18.23
N GLN D 255 -0.30 11.90 17.44
CA GLN D 255 -1.00 13.11 17.87
C GLN D 255 -1.86 12.85 19.13
N LEU D 256 -2.56 11.70 19.17
CA LEU D 256 -3.31 11.32 20.36
C LEU D 256 -2.42 11.20 21.59
N MET D 257 -1.25 10.58 21.44
CA MET D 257 -0.32 10.39 22.55
C MET D 257 0.23 11.74 23.06
N LEU D 258 0.74 12.55 22.13
CA LEU D 258 1.30 13.90 22.55
C LEU D 258 0.28 14.83 23.19
N PHE D 259 -0.97 14.81 22.69
CA PHE D 259 -2.00 15.62 23.30
C PHE D 259 -2.50 15.13 24.68
N THR D 260 -2.15 13.90 25.11
CA THR D 260 -2.64 13.31 26.37
C THR D 260 -1.56 12.90 27.42
N LEU D 261 -0.26 13.07 27.10
CA LEU D 261 0.81 12.85 28.10
C LEU D 261 0.98 14.05 29.07
N PRO D 262 1.42 13.77 30.31
CA PRO D 262 1.51 14.87 31.31
C PRO D 262 2.64 15.87 31.00
N GLY D 263 2.24 17.04 30.51
CA GLY D 263 3.16 18.13 30.15
C GLY D 263 2.67 18.96 28.99
N THR D 264 3.53 19.86 28.46
CA THR D 264 3.22 20.74 27.33
C THR D 264 3.56 20.09 25.94
N PRO D 265 2.55 19.80 25.10
CA PRO D 265 2.90 19.32 23.70
C PRO D 265 3.39 20.46 22.81
N VAL D 266 4.41 20.18 21.95
CA VAL D 266 5.03 21.20 21.07
C VAL D 266 5.03 20.64 19.63
N PHE D 267 4.36 21.38 18.74
CA PHE D 267 4.32 21.09 17.28
C PHE D 267 4.99 22.14 16.40
N SER D 268 5.25 21.77 15.12
CA SER D 268 5.78 22.74 14.13
C SER D 268 4.70 22.98 13.03
N TYR D 269 4.70 24.19 12.43
CA TYR D 269 3.63 24.56 11.44
C TYR D 269 3.54 23.45 10.34
N GLY D 270 2.31 23.05 10.02
CA GLY D 270 2.06 21.93 9.11
C GLY D 270 1.77 20.61 9.75
N ASP D 271 2.25 20.36 10.98
CA ASP D 271 1.97 19.07 11.65
C ASP D 271 0.46 18.74 11.65
N GLU D 272 -0.38 19.77 11.82
CA GLU D 272 -1.88 19.69 11.87
C GLU D 272 -2.53 19.21 10.57
N ILE D 273 -1.79 19.35 9.45
CA ILE D 273 -2.20 18.78 8.11
C ILE D 273 -1.38 17.58 7.65
N GLY D 274 -0.50 17.04 8.51
CA GLY D 274 0.47 15.98 8.08
C GLY D 274 1.43 16.44 6.98
N LEU D 275 1.80 17.74 6.98
CA LEU D 275 2.77 18.27 5.97
C LEU D 275 4.01 17.41 5.88
N ASP D 276 4.29 16.91 4.65
CA ASP D 276 5.43 16.02 4.34
C ASP D 276 6.26 16.63 3.19
N ALA D 277 7.52 16.99 3.49
CA ALA D 277 8.43 17.62 2.52
C ALA D 277 8.72 16.69 1.35
N ALA D 278 8.59 15.39 1.59
CA ALA D 278 8.80 14.39 0.53
C ALA D 278 7.66 14.18 -0.45
N ALA D 279 6.47 14.69 -0.15
CA ALA D 279 5.24 14.44 -0.93
C ALA D 279 4.97 15.34 -2.16
N LEU D 280 5.84 16.34 -2.38
CA LEU D 280 5.82 17.20 -3.61
C LEU D 280 7.26 17.38 -4.14
N PRO D 281 7.44 17.50 -5.47
CA PRO D 281 8.76 17.87 -6.04
C PRO D 281 9.13 19.28 -5.57
N GLY D 282 10.38 19.46 -5.16
CA GLY D 282 10.95 20.83 -4.95
C GLY D 282 10.87 21.41 -3.56
N GLN D 283 10.21 20.72 -2.62
CA GLN D 283 10.11 21.24 -1.24
C GLN D 283 11.48 21.23 -0.54
N PRO D 284 11.84 22.34 0.15
CA PRO D 284 13.04 22.25 0.98
C PRO D 284 12.80 21.22 2.11
N MET D 285 13.78 20.40 2.43
CA MET D 285 13.54 19.20 3.24
C MET D 285 13.30 19.49 4.70
N GLU D 286 13.84 20.60 5.24
CA GLU D 286 13.62 20.98 6.63
C GLU D 286 12.74 22.19 6.86
N ALA D 287 12.33 22.88 5.79
CA ALA D 287 11.53 24.09 5.88
C ALA D 287 10.55 24.18 4.71
N PRO D 288 9.64 23.21 4.63
CA PRO D 288 8.72 23.22 3.49
C PRO D 288 7.71 24.36 3.54
N VAL D 289 7.23 24.74 2.37
CA VAL D 289 6.16 25.72 2.16
C VAL D 289 4.81 25.18 2.66
N MET D 290 4.11 26.02 3.46
CA MET D 290 2.77 25.65 3.97
C MET D 290 1.70 25.65 2.85
N LEU D 291 0.87 24.60 2.82
CA LEU D 291 -0.06 24.34 1.73
C LEU D 291 -1.49 24.76 2.11
N TRP D 292 -1.79 26.05 1.91
CA TRP D 292 -3.12 26.63 2.25
C TRP D 292 -4.22 26.14 1.32
N ASP D 293 -3.89 26.00 0.01
CA ASP D 293 -4.86 25.55 -1.00
C ASP D 293 -4.12 25.05 -2.25
N GLU D 294 -4.86 24.65 -3.27
CA GLU D 294 -4.24 24.15 -4.52
C GLU D 294 -3.32 25.10 -5.31
N SER D 295 -3.38 26.41 -5.03
CA SER D 295 -2.56 27.39 -5.77
C SER D 295 -1.12 27.51 -5.27
N SER D 296 -0.76 26.79 -4.19
CA SER D 296 0.55 26.98 -3.53
C SER D 296 1.87 27.15 -4.36
N PHE D 297 1.99 26.34 -5.37
CA PHE D 297 3.19 26.26 -6.26
C PHE D 297 2.67 26.32 -7.70
N PRO D 298 2.43 27.54 -8.23
CA PRO D 298 1.87 27.62 -9.56
C PRO D 298 2.68 27.02 -10.74
N ASP D 299 4.01 26.82 -10.59
CA ASP D 299 4.82 26.21 -11.64
C ASP D 299 4.71 24.64 -11.71
N ILE D 300 3.90 24.05 -10.83
CA ILE D 300 3.58 22.58 -10.93
C ILE D 300 2.04 22.31 -10.91
N PRO D 301 1.32 22.81 -11.94
CA PRO D 301 -0.14 22.73 -11.99
C PRO D 301 -0.62 21.27 -11.78
N GLY D 302 -1.54 21.03 -10.85
CA GLY D 302 -2.02 19.64 -10.69
C GLY D 302 -1.43 18.96 -9.48
N ALA D 303 -0.15 19.23 -9.13
CA ALA D 303 0.57 18.36 -8.22
C ALA D 303 0.08 18.47 -6.74
N VAL D 304 -0.46 19.62 -6.33
CA VAL D 304 -0.97 19.82 -4.94
C VAL D 304 -2.44 19.44 -4.96
N SER D 305 -2.79 18.27 -4.42
CA SER D 305 -4.17 17.83 -4.47
C SER D 305 -4.90 18.42 -3.28
N ALA D 306 -6.22 18.61 -3.42
CA ALA D 306 -6.97 19.27 -2.29
C ALA D 306 -6.77 18.63 -0.88
N ASN D 307 -6.69 17.28 -0.84
CA ASN D 307 -6.49 16.53 0.44
C ASN D 307 -5.18 16.84 1.20
N MET D 308 -4.22 17.50 0.55
CA MET D 308 -2.94 17.93 1.17
C MET D 308 -3.03 19.32 1.88
N THR D 309 -4.14 20.03 1.69
CA THR D 309 -4.26 21.47 1.98
C THR D 309 -5.14 21.77 3.23
N VAL D 310 -4.94 22.96 3.79
CA VAL D 310 -5.80 23.45 4.85
C VAL D 310 -7.25 23.55 4.40
N LYS D 311 -7.43 24.13 3.25
CA LYS D 311 -8.76 24.35 2.72
C LYS D 311 -9.54 23.05 2.53
N GLY D 312 -8.92 22.07 1.87
CA GLY D 312 -9.57 20.74 1.67
C GLY D 312 -9.84 19.99 2.98
N GLN D 313 -8.83 19.90 3.85
CA GLN D 313 -8.97 19.14 5.09
C GLN D 313 -9.95 19.80 6.08
N SER D 314 -10.07 21.13 6.01
CA SER D 314 -11.07 21.84 6.84
C SER D 314 -12.52 21.42 6.62
N GLU D 315 -12.87 21.06 5.39
CA GLU D 315 -14.20 20.58 5.04
C GLU D 315 -14.46 19.07 5.25
N ASP D 316 -13.47 18.31 5.70
CA ASP D 316 -13.57 16.84 5.83
C ASP D 316 -13.48 16.44 7.32
N PRO D 317 -14.59 15.93 7.91
CA PRO D 317 -14.55 15.55 9.35
C PRO D 317 -13.56 14.42 9.65
N GLY D 318 -13.12 13.64 8.63
CA GLY D 318 -12.13 12.58 8.81
C GLY D 318 -10.67 12.97 8.68
N SER D 319 -10.36 14.23 8.36
CA SER D 319 -9.01 14.64 8.09
C SER D 319 -8.11 14.73 9.33
N LEU D 320 -6.79 14.81 9.11
CA LEU D 320 -5.86 15.02 10.20
C LEU D 320 -6.10 16.41 10.88
N LEU D 321 -6.42 17.44 10.08
CA LEU D 321 -6.74 18.75 10.65
C LEU D 321 -7.94 18.70 11.63
N SER D 322 -9.01 18.02 11.22
CA SER D 322 -10.18 17.85 12.11
C SER D 322 -9.83 17.10 13.41
N LEU D 323 -8.96 16.10 13.33
CA LEU D 323 -8.50 15.38 14.53
C LEU D 323 -7.66 16.30 15.43
N PHE D 324 -6.69 17.01 14.84
CA PHE D 324 -5.85 17.94 15.61
C PHE D 324 -6.76 18.90 16.36
N ARG D 325 -7.75 19.50 15.67
CA ARG D 325 -8.64 20.47 16.36
C ARG D 325 -9.42 19.88 17.55
N ARG D 326 -9.96 18.67 17.37
CA ARG D 326 -10.67 18.00 18.45
C ARG D 326 -9.80 17.68 19.66
N LEU D 327 -8.60 17.14 19.42
CA LEU D 327 -7.68 16.82 20.50
C LEU D 327 -7.23 18.08 21.27
N SER D 328 -6.91 19.12 20.52
CA SER D 328 -6.45 20.40 21.12
C SER D 328 -7.56 21.03 22.01
N ASP D 329 -8.81 20.98 21.52
CA ASP D 329 -10.00 21.36 22.28
C ASP D 329 -10.09 20.60 23.62
N GLN D 330 -9.99 19.27 23.63
CA GLN D 330 -9.95 18.51 24.87
C GLN D 330 -8.81 18.88 25.86
N ARG D 331 -7.60 18.98 25.31
CA ARG D 331 -6.36 19.25 26.05
C ARG D 331 -6.44 20.64 26.75
N SER D 332 -7.14 21.60 26.12
CA SER D 332 -7.27 22.95 26.68
C SER D 332 -8.47 23.21 27.62
N LYS D 333 -9.39 22.27 27.76
CA LYS D 333 -10.57 22.46 28.63
C LYS D 333 -10.78 21.44 29.78
N GLU D 334 -10.23 20.23 29.67
CA GLU D 334 -10.47 19.15 30.65
C GLU D 334 -9.45 19.13 31.77
N ARG D 335 -9.86 19.26 33.04
CA ARG D 335 -8.87 19.41 34.12
C ARG D 335 -7.88 18.22 34.28
N SER D 336 -8.32 16.99 34.00
CA SER D 336 -7.40 15.84 34.03
C SER D 336 -6.26 15.91 32.97
N LEU D 337 -6.47 16.61 31.83
CA LEU D 337 -5.46 16.84 30.79
C LEU D 337 -4.65 18.17 30.98
N LEU D 338 -5.21 19.11 31.76
CA LEU D 338 -4.56 20.36 32.09
C LEU D 338 -3.50 20.26 33.23
N HIS D 339 -3.63 19.26 34.10
CA HIS D 339 -2.66 18.98 35.14
C HIS D 339 -1.75 17.79 34.76
N GLY D 340 -0.81 17.43 35.65
CA GLY D 340 0.18 16.40 35.36
C GLY D 340 0.10 14.99 35.99
N ASP D 341 -1.08 14.53 36.41
CA ASP D 341 -1.22 13.23 37.13
C ASP D 341 -1.50 12.03 36.18
N PHE D 342 -0.70 10.95 36.30
CA PHE D 342 -0.52 9.90 35.26
C PHE D 342 -0.17 8.53 35.89
N HIS D 343 -0.85 7.46 35.44
CA HIS D 343 -0.43 6.07 35.79
C HIS D 343 -0.57 5.15 34.56
N ALA D 344 0.48 4.39 34.25
CA ALA D 344 0.54 3.45 33.10
C ALA D 344 0.08 2.03 33.53
N PHE D 345 -0.64 1.33 32.65
CA PHE D 345 -0.98 -0.09 32.84
C PHE D 345 0.15 -0.95 32.31
N SER D 346 0.22 -2.18 32.78
CA SER D 346 1.13 -3.15 32.18
C SER D 346 0.41 -3.78 30.98
N ALA D 347 1.13 -3.97 29.87
CA ALA D 347 0.51 -4.42 28.60
C ALA D 347 1.45 -5.27 27.73
N GLY D 348 0.87 -6.08 26.83
CA GLY D 348 1.63 -6.94 25.93
C GLY D 348 2.46 -6.15 24.91
N PRO D 349 3.34 -6.84 24.16
CA PRO D 349 4.05 -6.23 23.01
C PRO D 349 3.13 -5.44 22.08
N GLY D 350 3.59 -4.31 21.58
CA GLY D 350 2.78 -3.48 20.71
C GLY D 350 1.90 -2.43 21.40
N LEU D 351 1.54 -2.63 22.69
CA LEU D 351 0.56 -1.76 23.42
C LEU D 351 1.17 -0.74 24.45
N PHE D 352 0.62 0.47 24.52
CA PHE D 352 0.89 1.47 25.60
C PHE D 352 -0.47 2.04 26.06
N SER D 353 -0.82 1.81 27.33
N SER D 353 -0.80 1.84 27.33
CA SER D 353 -2.11 2.22 27.90
CA SER D 353 -2.09 2.24 27.90
C SER D 353 -1.90 2.97 29.21
C SER D 353 -1.90 2.98 29.21
N TYR D 354 -2.70 4.02 29.44
CA TYR D 354 -2.59 4.82 30.67
C TYR D 354 -3.85 5.62 31.01
N ILE D 355 -3.91 6.07 32.29
CA ILE D 355 -5.01 6.90 32.79
C ILE D 355 -4.53 8.32 33.20
N ARG D 356 -5.31 9.34 32.83
CA ARG D 356 -5.10 10.71 33.29
C ARG D 356 -6.22 11.07 34.31
N HIS D 357 -5.90 11.67 35.47
CA HIS D 357 -6.87 11.89 36.56
C HIS D 357 -6.51 13.16 37.38
N TRP D 358 -7.51 13.91 37.83
CA TRP D 358 -7.29 15.09 38.69
C TRP D 358 -8.48 15.26 39.62
N ASP D 359 -8.19 15.59 40.89
CA ASP D 359 -9.21 15.83 41.90
C ASP D 359 -10.41 14.91 41.73
N GLN D 360 -11.64 15.42 41.62
CA GLN D 360 -12.82 14.55 41.38
C GLN D 360 -13.42 14.81 39.99
N ASN D 361 -12.57 15.21 39.05
CA ASN D 361 -12.98 15.60 37.68
C ASN D 361 -13.02 14.36 36.74
N GLU D 362 -13.52 14.55 35.52
CA GLU D 362 -13.66 13.44 34.51
C GLU D 362 -12.27 12.81 34.25
N ARG D 363 -12.21 11.47 34.27
CA ARG D 363 -11.00 10.69 33.99
C ARG D 363 -10.91 10.28 32.50
N PHE D 364 -9.69 10.17 31.99
CA PHE D 364 -9.45 9.69 30.59
C PHE D 364 -8.57 8.47 30.59
N LEU D 365 -8.90 7.54 29.67
N LEU D 365 -8.97 7.48 29.76
CA LEU D 365 -8.17 6.29 29.44
CA LEU D 365 -8.17 6.30 29.37
C LEU D 365 -7.70 6.26 27.99
C LEU D 365 -7.66 6.42 27.95
N VAL D 366 -6.38 6.16 27.77
CA VAL D 366 -5.75 6.18 26.43
C VAL D 366 -5.15 4.81 26.20
N VAL D 367 -5.46 4.21 25.05
CA VAL D 367 -5.02 2.84 24.70
C VAL D 367 -4.42 2.89 23.29
N LEU D 368 -3.13 2.60 23.15
CA LEU D 368 -2.41 2.80 21.89
C LEU D 368 -1.81 1.49 21.31
N ASN D 369 -2.19 1.11 20.09
CA ASN D 369 -1.63 -0.07 19.40
C ASN D 369 -0.66 0.39 18.29
N PHE D 370 0.62 0.39 18.64
CA PHE D 370 1.70 0.81 17.75
C PHE D 370 1.95 -0.26 16.62
N GLY D 371 1.64 -1.52 16.89
CA GLY D 371 1.99 -2.67 16.01
C GLY D 371 1.14 -2.87 14.78
N ASP D 372 1.52 -3.84 13.94
CA ASP D 372 0.92 -4.07 12.60
C ASP D 372 -0.17 -5.17 12.51
N VAL D 373 -0.52 -5.76 13.65
CA VAL D 373 -1.61 -6.73 13.76
C VAL D 373 -2.61 -6.27 14.85
N GLY D 374 -3.86 -6.70 14.73
CA GLY D 374 -4.89 -6.39 15.72
C GLY D 374 -4.69 -7.13 17.03
N LEU D 375 -5.17 -6.54 18.12
CA LEU D 375 -4.93 -7.07 19.48
C LEU D 375 -6.11 -6.86 20.43
N SER D 376 -6.22 -7.77 21.39
CA SER D 376 -7.04 -7.56 22.55
C SER D 376 -6.25 -6.77 23.60
N ALA D 377 -6.90 -5.75 24.16
CA ALA D 377 -6.40 -5.06 25.36
C ALA D 377 -7.35 -5.38 26.51
N GLY D 378 -6.79 -5.68 27.67
CA GLY D 378 -7.58 -5.84 28.87
C GLY D 378 -6.88 -5.08 29.96
N LEU D 379 -7.51 -4.02 30.44
CA LEU D 379 -6.87 -3.12 31.38
C LEU D 379 -7.15 -3.53 32.83
N GLN D 380 -6.10 -3.86 33.60
CA GLN D 380 -6.26 -4.41 34.96
C GLN D 380 -6.25 -3.28 35.99
N ALA D 381 -7.33 -3.15 36.77
CA ALA D 381 -7.37 -2.18 37.89
C ALA D 381 -6.26 -2.43 38.93
N SER D 382 -5.79 -3.68 39.05
CA SER D 382 -4.67 -4.05 39.96
C SER D 382 -3.29 -3.45 39.58
N ASP D 383 -3.15 -2.94 38.34
CA ASP D 383 -1.95 -2.19 37.96
C ASP D 383 -1.89 -0.81 38.58
N LEU D 384 -3.02 -0.29 39.05
CA LEU D 384 -3.12 1.09 39.58
C LEU D 384 -2.97 1.05 41.09
N PRO D 385 -2.67 2.19 41.75
CA PRO D 385 -2.67 2.21 43.25
C PRO D 385 -3.89 1.54 43.87
N ALA D 386 -3.67 0.95 45.05
CA ALA D 386 -4.70 0.14 45.75
C ALA D 386 -6.01 0.88 46.01
N SER D 387 -5.95 2.21 46.11
CA SER D 387 -7.12 3.04 46.44
C SER D 387 -7.96 3.43 45.21
N ALA D 388 -7.43 3.24 44.01
CA ALA D 388 -8.19 3.52 42.76
C ALA D 388 -9.18 2.41 42.37
N SER D 389 -10.07 2.73 41.42
CA SER D 389 -10.96 1.73 40.79
C SER D 389 -11.21 2.09 39.32
N LEU D 390 -11.90 1.22 38.59
CA LEU D 390 -12.29 1.43 37.20
C LEU D 390 -13.70 0.93 37.00
N PRO D 391 -14.51 1.61 36.16
CA PRO D 391 -15.82 1.04 35.92
C PRO D 391 -15.65 -0.16 34.96
N ALA D 392 -16.69 -0.97 34.82
CA ALA D 392 -16.66 -2.07 33.87
C ALA D 392 -16.72 -1.57 32.45
N LYS D 393 -17.47 -0.49 32.22
CA LYS D 393 -17.60 0.11 30.89
C LYS D 393 -17.26 1.61 30.94
N ALA D 394 -16.85 2.15 29.79
CA ALA D 394 -16.58 3.57 29.62
C ALA D 394 -16.95 4.01 28.20
N ASP D 395 -17.42 5.24 28.05
CA ASP D 395 -17.76 5.83 26.75
C ASP D 395 -16.51 6.07 25.88
N LEU D 396 -16.62 5.76 24.57
CA LEU D 396 -15.62 6.12 23.57
C LEU D 396 -15.82 7.57 23.12
N LEU D 397 -14.89 8.44 23.50
CA LEU D 397 -14.88 9.79 22.97
C LEU D 397 -14.46 9.78 21.50
N LEU D 398 -13.29 9.23 21.16
CA LEU D 398 -12.88 9.04 19.74
C LEU D 398 -11.90 7.90 19.53
N SER D 399 -11.91 7.36 18.31
CA SER D 399 -10.79 6.56 17.80
C SER D 399 -10.00 7.37 16.75
N THR D 400 -8.70 7.07 16.63
CA THR D 400 -7.85 7.57 15.49
C THR D 400 -8.29 7.04 14.09
N GLN D 401 -9.03 5.95 14.07
CA GLN D 401 -9.52 5.46 12.79
C GLN D 401 -10.86 6.11 12.53
N PRO D 402 -10.93 7.07 11.55
CA PRO D 402 -12.24 7.67 11.24
C PRO D 402 -13.16 6.58 10.66
N GLY D 403 -14.43 6.63 11.03
CA GLY D 403 -15.41 5.67 10.56
C GLY D 403 -15.99 4.74 11.61
N ARG D 404 -15.44 4.68 12.82
CA ARG D 404 -16.05 3.88 13.94
C ARG D 404 -17.21 4.67 14.61
N GLU D 405 -17.92 4.04 15.56
CA GLU D 405 -19.09 4.63 16.24
C GLU D 405 -18.82 5.27 17.60
N GLU D 406 -18.60 6.58 17.56
CA GLU D 406 -18.17 7.36 18.71
C GLU D 406 -19.35 7.73 19.60
N GLY D 407 -19.12 7.71 20.91
CA GLY D 407 -20.10 8.15 21.91
C GLY D 407 -20.84 7.08 22.71
N SER D 408 -20.58 5.79 22.43
CA SER D 408 -21.23 4.65 23.14
C SER D 408 -20.28 3.91 24.10
N PRO D 409 -20.83 3.14 25.08
CA PRO D 409 -19.96 2.43 26.04
C PRO D 409 -19.22 1.22 25.45
N LEU D 410 -18.01 0.93 25.96
CA LEU D 410 -17.24 -0.29 25.62
C LEU D 410 -16.76 -0.96 26.90
N GLU D 411 -16.67 -2.30 26.84
CA GLU D 411 -16.23 -3.13 27.97
C GLU D 411 -14.69 -3.14 28.18
N LEU D 412 -14.20 -2.64 29.31
CA LEU D 412 -12.75 -2.41 29.47
C LEU D 412 -11.91 -3.68 29.52
N GLU D 413 -12.49 -4.81 29.92
CA GLU D 413 -11.78 -6.10 29.94
C GLU D 413 -11.55 -6.68 28.52
N ARG D 414 -12.36 -6.25 27.54
CA ARG D 414 -12.37 -6.84 26.20
C ARG D 414 -12.28 -5.85 25.01
N LEU D 415 -11.43 -4.84 25.12
CA LEU D 415 -11.23 -3.87 24.03
C LEU D 415 -10.52 -4.52 22.84
N LYS D 416 -10.96 -4.22 21.61
CA LYS D 416 -10.26 -4.70 20.41
C LYS D 416 -9.71 -3.61 19.56
N LEU D 417 -8.41 -3.65 19.35
CA LEU D 417 -7.70 -2.59 18.63
C LEU D 417 -7.18 -3.11 17.31
N GLU D 418 -7.40 -2.31 16.26
CA GLU D 418 -6.89 -2.58 14.94
C GLU D 418 -5.43 -2.13 14.82
N PRO D 419 -4.79 -2.48 13.69
CA PRO D 419 -3.41 -2.06 13.50
C PRO D 419 -3.24 -0.53 13.49
N HIS D 420 -2.29 -0.05 14.26
CA HIS D 420 -1.98 1.40 14.41
C HIS D 420 -3.14 2.26 15.00
N GLU D 421 -4.13 1.62 15.61
CA GLU D 421 -5.29 2.32 16.21
C GLU D 421 -5.00 2.79 17.66
N GLY D 422 -5.45 4.00 17.96
CA GLY D 422 -5.50 4.50 19.38
C GLY D 422 -6.91 4.88 19.76
N LEU D 423 -7.30 4.60 21.01
CA LEU D 423 -8.61 5.04 21.58
C LEU D 423 -8.48 6.01 22.74
N LEU D 424 -9.46 6.94 22.83
CA LEU D 424 -9.64 7.84 23.95
C LEU D 424 -11.04 7.62 24.56
N LEU D 425 -11.08 7.11 25.80
CA LEU D 425 -12.29 6.83 26.53
C LEU D 425 -12.37 7.75 27.73
N ARG D 426 -13.60 8.01 28.16
CA ARG D 426 -13.85 8.85 29.34
C ARG D 426 -14.85 8.23 30.35
N PHE D 427 -14.63 8.51 31.64
CA PHE D 427 -15.55 8.11 32.72
C PHE D 427 -15.53 9.10 33.94
N PRO D 428 -16.66 9.25 34.66
CA PRO D 428 -16.71 10.13 35.83
C PRO D 428 -16.06 9.56 37.10
N TYR D 429 -15.63 10.42 38.03
CA TYR D 429 -15.25 9.96 39.38
C TYR D 429 -16.47 9.30 40.06
N ALA D 430 -16.24 8.20 40.77
CA ALA D 430 -17.32 7.52 41.54
C ALA D 430 -16.98 7.32 43.05
C1 EDO E . 2.12 -54.88 -0.11
O1 EDO E . 2.79 -56.11 0.24
C2 EDO E . 1.61 -54.14 1.13
O2 EDO E . 0.37 -54.62 1.69
C1 EDO F . 1.04 -3.19 -12.91
O1 EDO F . 1.47 -3.89 -14.12
C2 EDO F . 2.13 -3.29 -11.86
O2 EDO F . 2.18 -4.67 -11.42
C1 EDO G . 11.23 13.71 27.29
O1 EDO G . 11.51 14.16 25.94
C2 EDO G . 10.10 14.53 27.91
O2 EDO G . 10.38 15.94 27.90
#